data_2HAC
#
_entry.id   2HAC
#
_cell.length_a   1.000
_cell.length_b   1.000
_cell.length_c   1.000
_cell.angle_alpha   90.00
_cell.angle_beta   90.00
_cell.angle_gamma   90.00
#
_symmetry.space_group_name_H-M   'P 1'
#
_entity_poly.entity_id   1
_entity_poly.type   'polypeptide(L)'
_entity_poly.pdbx_seq_one_letter_code
;DSKLCYLLDGILFIYGVILTALFLRVKFSRSAD
;
_entity_poly.pdbx_strand_id   A,B
#
# COMPACT_ATOMS: atom_id res chain seq x y z
N ASP A 1 -22.37 12.95 2.83
CA ASP A 1 -21.93 13.89 3.90
C ASP A 1 -20.75 14.72 3.39
N SER A 2 -19.96 15.26 4.27
CA SER A 2 -18.79 16.08 3.85
C SER A 2 -17.91 15.26 2.90
N LYS A 3 -17.16 15.92 2.04
CA LYS A 3 -16.29 15.17 1.10
C LYS A 3 -14.96 14.85 1.78
N LEU A 4 -14.90 15.00 3.08
CA LEU A 4 -13.63 14.70 3.81
C LEU A 4 -13.22 13.25 3.55
N CYS A 5 -14.17 12.35 3.51
CA CYS A 5 -13.82 10.92 3.27
C CYS A 5 -13.05 10.80 1.95
N TYR A 6 -13.41 11.59 0.98
CA TYR A 6 -12.70 11.52 -0.33
C TYR A 6 -11.22 11.83 -0.12
N LEU A 7 -10.89 12.58 0.89
CA LEU A 7 -9.47 12.92 1.15
C LEU A 7 -8.75 11.70 1.77
N LEU A 8 -9.40 11.02 2.67
CA LEU A 8 -8.75 9.84 3.31
C LEU A 8 -8.46 8.78 2.23
N ASP A 9 -9.43 8.48 1.41
CA ASP A 9 -9.21 7.46 0.34
C ASP A 9 -8.11 7.94 -0.60
N GLY A 10 -8.05 9.21 -0.87
CA GLY A 10 -7.01 9.74 -1.80
C GLY A 10 -5.62 9.40 -1.25
N ILE A 11 -5.36 9.73 -0.01
CA ILE A 11 -4.02 9.43 0.57
C ILE A 11 -3.78 7.92 0.59
N LEU A 12 -4.69 7.18 1.17
CA LEU A 12 -4.52 5.71 1.24
C LEU A 12 -4.36 5.14 -0.18
N PHE A 13 -5.18 5.58 -1.10
CA PHE A 13 -5.08 5.06 -2.49
C PHE A 13 -3.71 5.42 -3.07
N ILE A 14 -3.36 6.67 -3.09
CA ILE A 14 -2.03 7.07 -3.65
C ILE A 14 -0.93 6.27 -2.92
N TYR A 15 -1.08 6.06 -1.64
CA TYR A 15 -0.05 5.29 -0.90
C TYR A 15 0.06 3.89 -1.49
N GLY A 16 -1.04 3.27 -1.83
CA GLY A 16 -0.98 1.91 -2.40
C GLY A 16 -0.22 1.94 -3.74
N VAL A 17 -0.44 2.95 -4.53
CA VAL A 17 0.25 3.02 -5.84
C VAL A 17 1.76 3.25 -5.62
N ILE A 18 2.11 4.18 -4.79
CA ILE A 18 3.57 4.44 -4.54
C ILE A 18 4.21 3.24 -3.87
N LEU A 19 3.55 2.65 -2.91
CA LEU A 19 4.14 1.46 -2.22
C LEU A 19 4.24 0.29 -3.20
N THR A 20 3.24 0.12 -4.02
CA THR A 20 3.28 -1.01 -5.01
C THR A 20 4.40 -0.76 -6.03
N ALA A 21 4.58 0.47 -6.43
CA ALA A 21 5.65 0.78 -7.42
C ALA A 21 7.01 0.34 -6.87
N LEU A 22 7.31 0.71 -5.65
CA LEU A 22 8.63 0.31 -5.06
C LEU A 22 8.71 -1.22 -4.98
N PHE A 23 7.61 -1.88 -4.71
CA PHE A 23 7.65 -3.37 -4.63
C PHE A 23 8.01 -3.95 -5.99
N LEU A 24 7.32 -3.55 -7.02
CA LEU A 24 7.64 -4.08 -8.38
C LEU A 24 9.05 -3.64 -8.79
N ARG A 25 9.40 -2.41 -8.49
CA ARG A 25 10.76 -1.93 -8.86
C ARG A 25 11.82 -2.85 -8.26
N VAL A 26 11.66 -3.23 -7.03
CA VAL A 26 12.65 -4.12 -6.38
C VAL A 26 12.50 -5.54 -6.92
N LYS A 27 11.30 -5.93 -7.25
CA LYS A 27 11.08 -7.30 -7.79
C LYS A 27 12.00 -7.54 -8.99
N PHE A 28 12.15 -6.56 -9.84
CA PHE A 28 13.04 -6.71 -11.03
C PHE A 28 14.40 -6.08 -10.74
N SER A 29 15.46 -6.84 -10.90
CA SER A 29 16.81 -6.28 -10.63
C SER A 29 17.11 -5.15 -11.62
N ARG A 30 16.63 -5.28 -12.83
CA ARG A 30 16.89 -4.22 -13.85
C ARG A 30 16.39 -2.87 -13.31
N SER A 31 15.31 -2.89 -12.58
CA SER A 31 14.77 -1.61 -12.02
C SER A 31 14.62 -0.59 -13.16
N ALA A 32 14.50 -1.05 -14.37
CA ALA A 32 14.36 -0.10 -15.52
C ALA A 32 13.03 0.65 -15.39
N ASP A 33 12.03 0.04 -14.80
CA ASP A 33 10.72 0.72 -14.65
C ASP A 33 9.92 0.02 -13.55
N ASP B 1 -25.81 1.55 5.47
CA ASP B 1 -26.28 2.94 5.19
C ASP B 1 -25.56 3.90 6.14
N SER B 2 -24.55 3.44 6.83
CA SER B 2 -23.80 4.32 7.77
C SER B 2 -22.34 3.89 7.82
N LYS B 3 -21.46 4.78 8.21
CA LYS B 3 -20.02 4.41 8.27
C LYS B 3 -19.60 3.77 6.94
N LEU B 4 -20.27 4.12 5.88
CA LEU B 4 -19.92 3.53 4.55
C LEU B 4 -18.46 3.87 4.23
N CYS B 5 -18.02 5.05 4.52
CA CYS B 5 -16.61 5.44 4.23
C CYS B 5 -15.67 4.53 5.04
N TYR B 6 -16.08 4.11 6.20
CA TYR B 6 -15.21 3.23 7.02
C TYR B 6 -14.89 1.96 6.24
N LEU B 7 -15.79 1.54 5.38
CA LEU B 7 -15.53 0.31 4.57
C LEU B 7 -14.44 0.60 3.53
N LEU B 8 -14.51 1.74 2.89
CA LEU B 8 -13.48 2.08 1.87
C LEU B 8 -12.12 2.22 2.55
N ASP B 9 -12.05 2.93 3.63
CA ASP B 9 -10.76 3.10 4.34
C ASP B 9 -10.25 1.74 4.81
N GLY B 10 -11.13 0.88 5.22
CA GLY B 10 -10.69 -0.47 5.69
C GLY B 10 -9.99 -1.22 4.57
N ILE B 11 -10.59 -1.29 3.41
CA ILE B 11 -9.96 -2.02 2.28
C ILE B 11 -8.64 -1.34 1.89
N LEU B 12 -8.67 -0.06 1.65
CA LEU B 12 -7.42 0.66 1.26
C LEU B 12 -6.40 0.56 2.40
N PHE B 13 -6.82 0.71 3.62
CA PHE B 13 -5.86 0.63 4.75
C PHE B 13 -5.22 -0.76 4.79
N ILE B 14 -6.02 -1.79 4.81
CA ILE B 14 -5.46 -3.17 4.85
C ILE B 14 -4.53 -3.37 3.64
N TYR B 15 -4.86 -2.80 2.53
CA TYR B 15 -3.99 -2.95 1.33
C TYR B 15 -2.60 -2.36 1.62
N GLY B 16 -2.56 -1.24 2.29
CA GLY B 16 -1.24 -0.62 2.61
C GLY B 16 -0.46 -1.51 3.57
N VAL B 17 -1.13 -2.11 4.52
CA VAL B 17 -0.42 -2.98 5.51
C VAL B 17 0.10 -4.23 4.81
N ILE B 18 -0.71 -4.87 4.01
CA ILE B 18 -0.26 -6.12 3.32
C ILE B 18 0.89 -5.79 2.36
N LEU B 19 0.83 -4.66 1.70
CA LEU B 19 1.93 -4.31 0.75
C LEU B 19 3.19 -3.96 1.56
N THR B 20 3.06 -3.16 2.58
CA THR B 20 4.25 -2.79 3.39
C THR B 20 4.91 -4.04 3.97
N ALA B 21 4.11 -4.99 4.39
CA ALA B 21 4.69 -6.24 4.98
C ALA B 21 5.56 -6.94 3.93
N LEU B 22 5.03 -7.14 2.75
CA LEU B 22 5.83 -7.81 1.69
C LEU B 22 7.03 -6.94 1.31
N PHE B 23 6.91 -5.65 1.42
CA PHE B 23 8.06 -4.76 1.07
C PHE B 23 9.19 -4.97 2.07
N LEU B 24 8.91 -4.89 3.35
CA LEU B 24 9.98 -5.08 4.36
C LEU B 24 10.55 -6.51 4.27
N ARG B 25 9.71 -7.47 4.02
CA ARG B 25 10.22 -8.87 3.92
C ARG B 25 11.29 -8.95 2.84
N VAL B 26 11.08 -8.31 1.72
CA VAL B 26 12.10 -8.35 0.64
C VAL B 26 13.35 -7.60 1.09
N LYS B 27 13.18 -6.54 1.83
CA LYS B 27 14.36 -5.76 2.30
C LYS B 27 15.24 -6.66 3.17
N PHE B 28 14.65 -7.43 4.05
CA PHE B 28 15.45 -8.33 4.92
C PHE B 28 15.52 -9.72 4.27
N SER B 29 16.69 -10.25 4.12
CA SER B 29 16.83 -11.59 3.50
C SER B 29 16.23 -12.66 4.42
N ARG B 30 15.88 -13.80 3.88
CA ARG B 30 15.30 -14.87 4.73
C ARG B 30 16.33 -15.33 5.76
N SER B 31 15.91 -15.63 6.95
CA SER B 31 16.86 -16.09 7.99
C SER B 31 17.58 -17.36 7.52
N ALA B 32 18.65 -17.72 8.18
CA ALA B 32 19.39 -18.94 7.77
C ALA B 32 18.49 -20.17 7.92
N ASP B 33 18.67 -21.16 7.09
CA ASP B 33 17.82 -22.39 7.18
C ASP B 33 17.86 -22.92 8.62
N ASP A 1 -23.04 13.21 1.57
CA ASP A 1 -22.49 14.59 1.70
C ASP A 1 -21.10 14.53 2.34
N SER A 2 -20.60 15.63 2.81
CA SER A 2 -19.26 15.63 3.44
C SER A 2 -18.26 14.95 2.49
N LYS A 3 -17.63 15.72 1.63
CA LYS A 3 -16.66 15.13 0.67
C LYS A 3 -15.35 14.83 1.40
N LEU A 4 -15.34 14.93 2.71
CA LEU A 4 -14.09 14.66 3.47
C LEU A 4 -13.65 13.21 3.23
N CYS A 5 -14.59 12.31 3.11
CA CYS A 5 -14.23 10.89 2.86
C CYS A 5 -13.36 10.79 1.61
N TYR A 6 -13.62 11.63 0.65
CA TYR A 6 -12.81 11.58 -0.61
C TYR A 6 -11.34 11.88 -0.28
N LEU A 7 -11.10 12.59 0.78
CA LEU A 7 -9.69 12.92 1.15
C LEU A 7 -9.01 11.67 1.73
N LEU A 8 -9.69 10.93 2.56
CA LEU A 8 -9.07 9.71 3.16
C LEU A 8 -8.69 8.73 2.03
N ASP A 9 -9.59 8.50 1.12
CA ASP A 9 -9.28 7.55 0.00
C ASP A 9 -8.10 8.07 -0.81
N GLY A 10 -8.01 9.37 -1.00
CA GLY A 10 -6.88 9.93 -1.79
C GLY A 10 -5.56 9.60 -1.10
N ILE A 11 -5.47 9.83 0.18
CA ILE A 11 -4.19 9.53 0.89
C ILE A 11 -3.92 8.03 0.90
N LEU A 12 -4.88 7.25 1.33
CA LEU A 12 -4.67 5.77 1.36
C LEU A 12 -4.46 5.24 -0.07
N PHE A 13 -5.21 5.73 -1.01
CA PHE A 13 -5.06 5.26 -2.41
C PHE A 13 -3.66 5.61 -2.93
N ILE A 14 -3.28 6.86 -2.87
CA ILE A 14 -1.93 7.25 -3.36
C ILE A 14 -0.87 6.42 -2.62
N TYR A 15 -1.09 6.14 -1.37
CA TYR A 15 -0.09 5.34 -0.60
C TYR A 15 0.04 3.96 -1.23
N GLY A 16 -1.05 3.36 -1.62
CA GLY A 16 -0.99 2.01 -2.23
C GLY A 16 -0.21 2.06 -3.55
N VAL A 17 -0.40 3.10 -4.31
CA VAL A 17 0.31 3.21 -5.61
C VAL A 17 1.82 3.42 -5.38
N ILE A 18 2.17 4.34 -4.51
CA ILE A 18 3.61 4.60 -4.25
C ILE A 18 4.27 3.37 -3.61
N LEU A 19 3.56 2.70 -2.74
CA LEU A 19 4.16 1.50 -2.09
C LEU A 19 4.24 0.34 -3.09
N THR A 20 3.23 0.19 -3.92
CA THR A 20 3.26 -0.92 -4.91
C THR A 20 4.36 -0.67 -5.94
N ALA A 21 4.53 0.56 -6.37
CA ALA A 21 5.59 0.85 -7.38
C ALA A 21 6.96 0.44 -6.84
N LEU A 22 7.27 0.81 -5.63
CA LEU A 22 8.59 0.43 -5.05
C LEU A 22 8.68 -1.09 -4.93
N PHE A 23 7.59 -1.75 -4.67
CA PHE A 23 7.63 -3.23 -4.55
C PHE A 23 8.00 -3.85 -5.89
N LEU A 24 7.32 -3.48 -6.94
CA LEU A 24 7.63 -4.05 -8.27
C LEU A 24 9.06 -3.68 -8.69
N ARG A 25 9.46 -2.47 -8.42
CA ARG A 25 10.84 -2.04 -8.80
C ARG A 25 11.85 -3.01 -8.21
N VAL A 26 11.63 -3.45 -7.00
CA VAL A 26 12.60 -4.41 -6.37
C VAL A 26 12.39 -5.80 -6.96
N LYS A 27 11.17 -6.12 -7.33
CA LYS A 27 10.89 -7.46 -7.92
C LYS A 27 11.79 -7.69 -9.13
N PHE A 28 12.12 -6.65 -9.85
CA PHE A 28 13.00 -6.80 -11.05
C PHE A 28 14.43 -6.39 -10.70
N SER A 29 15.40 -6.95 -11.37
CA SER A 29 16.82 -6.60 -11.08
C SER A 29 17.70 -6.92 -12.29
N ARG A 30 18.89 -6.42 -12.32
CA ARG A 30 19.80 -6.71 -13.47
C ARG A 30 20.39 -8.11 -13.31
N SER A 31 20.68 -8.76 -14.40
CA SER A 31 21.26 -10.13 -14.31
C SER A 31 22.60 -10.07 -13.58
N ALA A 32 23.31 -8.98 -13.72
CA ALA A 32 24.63 -8.84 -13.03
C ALA A 32 24.44 -9.06 -11.53
N ASP A 33 25.41 -9.64 -10.88
CA ASP A 33 25.30 -9.87 -9.42
C ASP A 33 23.96 -10.53 -9.10
N ASP B 1 -21.47 11.61 6.02
CA ASP B 1 -22.93 11.40 6.08
C ASP B 1 -23.23 10.04 6.70
N SER B 2 -22.34 9.11 6.54
CA SER B 2 -22.55 7.74 7.12
C SER B 2 -21.19 7.09 7.38
N LYS B 3 -21.16 6.03 8.14
CA LYS B 3 -19.87 5.35 8.43
C LYS B 3 -19.54 4.35 7.33
N LEU B 4 -20.28 4.36 6.25
CA LEU B 4 -19.99 3.40 5.15
C LEU B 4 -18.61 3.72 4.57
N CYS B 5 -18.27 4.97 4.49
CA CYS B 5 -16.94 5.34 3.94
C CYS B 5 -15.84 4.61 4.71
N TYR B 6 -16.07 4.28 5.94
CA TYR B 6 -15.04 3.57 6.74
C TYR B 6 -14.72 2.23 6.08
N LEU B 7 -15.64 1.69 5.33
CA LEU B 7 -15.39 0.38 4.65
C LEU B 7 -14.34 0.58 3.56
N LEU B 8 -14.44 1.66 2.82
CA LEU B 8 -13.45 1.90 1.73
C LEU B 8 -12.07 2.12 2.35
N ASP B 9 -11.99 2.90 3.39
CA ASP B 9 -10.68 3.15 4.05
C ASP B 9 -10.14 1.82 4.58
N GLY B 10 -10.99 0.97 5.08
CA GLY B 10 -10.52 -0.34 5.63
C GLY B 10 -9.81 -1.12 4.52
N ILE B 11 -10.46 -1.31 3.39
CA ILE B 11 -9.81 -2.06 2.28
C ILE B 11 -8.52 -1.36 1.87
N LEU B 12 -8.57 -0.08 1.62
CA LEU B 12 -7.32 0.65 1.22
C LEU B 12 -6.31 0.57 2.36
N PHE B 13 -6.76 0.69 3.58
CA PHE B 13 -5.82 0.64 4.73
C PHE B 13 -5.17 -0.74 4.79
N ILE B 14 -5.96 -1.78 4.85
CA ILE B 14 -5.39 -3.15 4.91
C ILE B 14 -4.44 -3.35 3.73
N TYR B 15 -4.79 -2.82 2.58
CA TYR B 15 -3.91 -2.98 1.40
C TYR B 15 -2.53 -2.42 1.73
N GLY B 16 -2.47 -1.27 2.35
CA GLY B 16 -1.16 -0.67 2.70
C GLY B 16 -0.42 -1.57 3.70
N VAL B 17 -1.13 -2.14 4.64
CA VAL B 17 -0.45 -3.02 5.64
C VAL B 17 0.09 -4.28 4.95
N ILE B 18 -0.69 -4.90 4.12
CA ILE B 18 -0.22 -6.14 3.43
C ILE B 18 0.93 -5.80 2.47
N LEU B 19 0.87 -4.66 1.82
CA LEU B 19 1.95 -4.29 0.86
C LEU B 19 3.22 -3.93 1.66
N THR B 20 3.09 -3.13 2.69
CA THR B 20 4.28 -2.75 3.49
C THR B 20 4.96 -4.01 4.04
N ALA B 21 4.19 -4.97 4.45
CA ALA B 21 4.80 -6.22 5.01
C ALA B 21 5.63 -6.93 3.94
N LEU B 22 5.08 -7.13 2.77
CA LEU B 22 5.85 -7.81 1.69
C LEU B 22 7.07 -6.97 1.30
N PHE B 23 6.97 -5.68 1.37
CA PHE B 23 8.13 -4.82 1.00
C PHE B 23 9.28 -5.08 1.99
N LEU B 24 9.00 -5.04 3.26
CA LEU B 24 10.08 -5.26 4.27
C LEU B 24 10.57 -6.71 4.17
N ARG B 25 9.68 -7.65 4.00
CA ARG B 25 10.12 -9.07 3.91
C ARG B 25 11.16 -9.21 2.79
N VAL B 26 10.97 -8.52 1.70
CA VAL B 26 11.95 -8.61 0.58
C VAL B 26 13.21 -7.82 0.94
N LYS B 27 13.07 -6.77 1.69
CA LYS B 27 14.26 -5.95 2.06
C LYS B 27 15.29 -6.84 2.75
N PHE B 28 14.86 -7.68 3.66
CA PHE B 28 15.82 -8.58 4.36
C PHE B 28 16.21 -9.74 3.44
N SER B 29 15.34 -10.11 2.54
CA SER B 29 15.65 -11.24 1.62
C SER B 29 16.03 -12.48 2.44
N ARG B 30 15.10 -13.36 2.66
CA ARG B 30 15.41 -14.58 3.45
C ARG B 30 16.52 -15.37 2.76
N SER B 31 16.55 -15.36 1.46
CA SER B 31 17.61 -16.12 0.72
C SER B 31 18.99 -15.61 1.12
N ALA B 32 19.14 -14.32 1.26
CA ALA B 32 20.47 -13.76 1.65
C ALA B 32 21.57 -14.40 0.79
N ASP B 33 22.81 -14.18 1.13
CA ASP B 33 23.91 -14.78 0.33
C ASP B 33 24.07 -16.26 0.71
N ASP A 1 -22.06 14.83 4.32
CA ASP A 1 -21.96 16.04 5.18
C ASP A 1 -20.62 16.74 4.93
N SER A 2 -19.64 16.02 4.49
CA SER A 2 -18.30 16.64 4.22
C SER A 2 -17.48 15.74 3.31
N LYS A 3 -16.58 16.31 2.54
CA LYS A 3 -15.74 15.48 1.62
C LYS A 3 -14.45 15.07 2.34
N LEU A 4 -14.44 15.15 3.64
CA LEU A 4 -13.21 14.76 4.40
C LEU A 4 -12.98 13.26 4.28
N CYS A 5 -14.02 12.47 4.31
CA CYS A 5 -13.84 10.99 4.20
C CYS A 5 -13.09 10.66 2.90
N TYR A 6 -13.47 11.28 1.81
CA TYR A 6 -12.79 11.01 0.53
C TYR A 6 -11.31 11.37 0.63
N LEU A 7 -10.98 12.27 1.52
CA LEU A 7 -9.54 12.66 1.66
C LEU A 7 -8.72 11.45 2.09
N LEU A 8 -9.23 10.65 2.98
CA LEU A 8 -8.47 9.45 3.43
C LEU A 8 -8.30 8.49 2.25
N ASP A 9 -9.35 8.27 1.51
CA ASP A 9 -9.25 7.35 0.35
C ASP A 9 -8.20 7.88 -0.63
N GLY A 10 -8.15 9.17 -0.83
CA GLY A 10 -7.15 9.73 -1.77
C GLY A 10 -5.73 9.45 -1.26
N ILE A 11 -5.46 9.75 -0.02
CA ILE A 11 -4.10 9.49 0.53
C ILE A 11 -3.85 7.98 0.64
N LEU A 12 -4.80 7.25 1.15
CA LEU A 12 -4.60 5.77 1.28
C LEU A 12 -4.44 5.16 -0.12
N PHE A 13 -5.24 5.57 -1.06
CA PHE A 13 -5.12 5.01 -2.44
C PHE A 13 -3.72 5.32 -2.99
N ILE A 14 -3.35 6.57 -2.99
CA ILE A 14 -2.00 6.94 -3.53
C ILE A 14 -0.92 6.15 -2.77
N TYR A 15 -1.11 5.96 -1.49
CA TYR A 15 -0.10 5.21 -0.70
C TYR A 15 0.06 3.80 -1.29
N GLY A 16 -1.01 3.18 -1.67
CA GLY A 16 -0.92 1.81 -2.25
C GLY A 16 -0.21 1.86 -3.60
N VAL A 17 -0.50 2.85 -4.40
CA VAL A 17 0.15 2.94 -5.74
C VAL A 17 1.66 3.17 -5.56
N ILE A 18 2.05 4.05 -4.68
CA ILE A 18 3.50 4.31 -4.49
C ILE A 18 4.18 3.08 -3.89
N LEU A 19 3.56 2.45 -2.94
CA LEU A 19 4.18 1.23 -2.32
C LEU A 19 4.25 0.12 -3.38
N THR A 20 3.19 -0.06 -4.12
CA THR A 20 3.18 -1.12 -5.16
C THR A 20 4.29 -0.84 -6.19
N ALA A 21 4.46 0.40 -6.54
CA ALA A 21 5.52 0.75 -7.54
C ALA A 21 6.89 0.34 -6.99
N LEU A 22 7.18 0.70 -5.77
CA LEU A 22 8.50 0.34 -5.18
C LEU A 22 8.58 -1.18 -5.01
N PHE A 23 7.48 -1.84 -4.79
CA PHE A 23 7.51 -3.32 -4.61
C PHE A 23 7.88 -3.99 -5.94
N LEU A 24 7.21 -3.64 -7.00
CA LEU A 24 7.52 -4.27 -8.32
C LEU A 24 8.92 -3.84 -8.79
N ARG A 25 9.31 -2.62 -8.52
CA ARG A 25 10.65 -2.16 -8.95
C ARG A 25 11.73 -3.07 -8.37
N VAL A 26 11.59 -3.43 -7.12
CA VAL A 26 12.61 -4.32 -6.48
C VAL A 26 12.50 -5.73 -7.08
N LYS A 27 11.31 -6.14 -7.43
CA LYS A 27 11.14 -7.50 -8.03
C LYS A 27 12.10 -7.67 -9.21
N PHE A 28 12.36 -6.62 -9.94
CA PHE A 28 13.28 -6.73 -11.11
C PHE A 28 14.72 -6.47 -10.66
N SER A 29 14.94 -6.34 -9.37
CA SER A 29 16.31 -6.07 -8.87
C SER A 29 17.26 -7.19 -9.33
N ARG A 30 16.77 -8.39 -9.43
CA ARG A 30 17.64 -9.53 -9.87
C ARG A 30 18.26 -9.22 -11.23
N SER A 31 17.49 -8.66 -12.13
CA SER A 31 18.04 -8.34 -13.47
C SER A 31 17.11 -7.36 -14.19
N ALA A 32 17.42 -6.98 -15.40
CA ALA A 32 16.55 -6.03 -16.14
C ALA A 32 15.18 -6.67 -16.38
N ASP A 33 15.13 -7.95 -16.57
CA ASP A 33 13.84 -8.63 -16.82
C ASP A 33 13.10 -8.86 -15.49
N ASP B 1 -25.15 1.54 6.58
CA ASP B 1 -25.04 1.84 5.13
C ASP B 1 -24.42 3.23 4.94
N SER B 2 -24.64 4.11 5.87
CA SER B 2 -24.05 5.49 5.74
C SER B 2 -22.54 5.42 5.92
N LYS B 3 -22.06 4.46 6.66
CA LYS B 3 -20.59 4.35 6.87
C LYS B 3 -19.95 3.65 5.67
N LEU B 4 -20.65 3.59 4.57
CA LEU B 4 -20.08 2.93 3.36
C LEU B 4 -18.72 3.55 3.04
N CYS B 5 -18.59 4.83 3.21
CA CYS B 5 -17.28 5.49 2.92
C CYS B 5 -16.19 4.89 3.80
N TYR B 6 -16.46 4.69 5.06
CA TYR B 6 -15.43 4.11 5.98
C TYR B 6 -14.99 2.74 5.44
N LEU B 7 -15.84 2.06 4.72
CA LEU B 7 -15.47 0.72 4.19
C LEU B 7 -14.27 0.87 3.24
N LEU B 8 -14.24 1.93 2.48
CA LEU B 8 -13.10 2.13 1.54
C LEU B 8 -11.80 2.27 2.33
N ASP B 9 -11.82 3.04 3.39
CA ASP B 9 -10.58 3.21 4.20
C ASP B 9 -10.15 1.86 4.79
N GLY B 10 -11.08 1.07 5.24
CA GLY B 10 -10.74 -0.25 5.82
C GLY B 10 -10.04 -1.12 4.78
N ILE B 11 -10.59 -1.22 3.60
CA ILE B 11 -9.96 -2.05 2.54
C ILE B 11 -8.63 -1.43 2.09
N LEU B 12 -8.63 -0.15 1.83
CA LEU B 12 -7.36 0.51 1.39
C LEU B 12 -6.35 0.50 2.53
N PHE B 13 -6.78 0.73 3.74
CA PHE B 13 -5.83 0.73 4.89
C PHE B 13 -5.18 -0.65 5.02
N ILE B 14 -5.98 -1.68 5.11
CA ILE B 14 -5.39 -3.04 5.23
C ILE B 14 -4.44 -3.31 4.07
N TYR B 15 -4.79 -2.85 2.90
CA TYR B 15 -3.90 -3.07 1.73
C TYR B 15 -2.54 -2.41 1.99
N GLY B 16 -2.54 -1.24 2.57
CA GLY B 16 -1.25 -0.54 2.84
C GLY B 16 -0.40 -1.38 3.80
N VAL B 17 -0.99 -1.96 4.80
CA VAL B 17 -0.22 -2.77 5.77
C VAL B 17 0.28 -4.06 5.10
N ILE B 18 -0.56 -4.72 4.35
CA ILE B 18 -0.13 -5.97 3.67
C ILE B 18 0.91 -5.66 2.60
N LEU B 19 0.73 -4.58 1.88
CA LEU B 19 1.71 -4.24 0.81
C LEU B 19 3.02 -3.79 1.46
N THR B 20 2.96 -3.05 2.53
CA THR B 20 4.20 -2.59 3.21
C THR B 20 4.92 -3.78 3.85
N ALA B 21 4.18 -4.69 4.42
CA ALA B 21 4.83 -5.87 5.07
C ALA B 21 5.64 -6.65 4.02
N LEU B 22 5.03 -6.96 2.91
CA LEU B 22 5.76 -7.73 1.86
C LEU B 22 6.96 -6.90 1.38
N PHE B 23 6.84 -5.61 1.37
CA PHE B 23 7.98 -4.76 0.92
C PHE B 23 9.14 -4.91 1.91
N LEU B 24 8.88 -4.75 3.18
CA LEU B 24 9.97 -4.89 4.18
C LEU B 24 10.53 -6.31 4.13
N ARG B 25 9.66 -7.29 3.99
CA ARG B 25 10.13 -8.70 3.93
C ARG B 25 11.24 -8.82 2.88
N VAL B 26 11.10 -8.15 1.77
CA VAL B 26 12.13 -8.21 0.71
C VAL B 26 13.36 -7.43 1.15
N LYS B 27 13.17 -6.40 1.94
CA LYS B 27 14.34 -5.59 2.40
C LYS B 27 15.34 -6.49 3.11
N PHE B 28 14.86 -7.43 3.90
CA PHE B 28 15.78 -8.35 4.63
C PHE B 28 16.02 -9.61 3.81
N SER B 29 17.26 -9.94 3.54
CA SER B 29 17.55 -11.17 2.75
C SER B 29 17.30 -12.40 3.61
N ARG B 30 17.34 -12.26 4.90
CA ARG B 30 17.10 -13.42 5.81
C ARG B 30 18.02 -14.59 5.40
N SER B 31 17.50 -15.54 4.67
CA SER B 31 18.34 -16.70 4.25
C SER B 31 19.47 -16.21 3.33
N ALA B 32 20.44 -17.05 3.11
CA ALA B 32 21.58 -16.66 2.22
C ALA B 32 22.18 -17.91 1.58
N ASP B 33 22.79 -17.77 0.44
CA ASP B 33 23.40 -18.96 -0.23
C ASP B 33 22.37 -20.09 -0.30
N ASP A 1 -18.42 17.34 5.46
CA ASP A 1 -18.94 17.97 4.21
C ASP A 1 -17.82 18.06 3.18
N SER A 2 -18.09 18.61 2.03
CA SER A 2 -17.04 18.73 0.98
C SER A 2 -16.37 17.37 0.79
N LYS A 3 -17.09 16.30 1.02
CA LYS A 3 -16.49 14.94 0.84
C LYS A 3 -15.19 14.84 1.63
N LEU A 4 -15.22 15.20 2.89
CA LEU A 4 -13.98 15.12 3.71
C LEU A 4 -13.47 13.69 3.75
N CYS A 5 -14.36 12.74 3.87
CA CYS A 5 -13.92 11.31 3.92
C CYS A 5 -13.10 10.98 2.67
N TYR A 6 -13.49 11.49 1.54
CA TYR A 6 -12.73 11.20 0.29
C TYR A 6 -11.26 11.53 0.49
N LEU A 7 -10.96 12.40 1.42
CA LEU A 7 -9.53 12.76 1.66
C LEU A 7 -8.77 11.54 2.18
N LEU A 8 -9.39 10.75 3.02
CA LEU A 8 -8.68 9.55 3.56
C LEU A 8 -8.40 8.57 2.41
N ASP A 9 -9.36 8.37 1.55
CA ASP A 9 -9.15 7.43 0.42
C ASP A 9 -8.03 7.97 -0.49
N GLY A 10 -8.00 9.25 -0.70
CA GLY A 10 -6.94 9.84 -1.57
C GLY A 10 -5.57 9.49 -1.03
N ILE A 11 -5.31 9.76 0.23
CA ILE A 11 -3.98 9.46 0.81
C ILE A 11 -3.75 7.94 0.81
N LEU A 12 -4.67 7.19 1.37
CA LEU A 12 -4.49 5.72 1.40
C LEU A 12 -4.36 5.17 -0.02
N PHE A 13 -5.16 5.64 -0.93
CA PHE A 13 -5.07 5.14 -2.33
C PHE A 13 -3.70 5.49 -2.91
N ILE A 14 -3.34 6.74 -2.91
CA ILE A 14 -2.01 7.13 -3.47
C ILE A 14 -0.93 6.31 -2.79
N TYR A 15 -1.06 6.06 -1.52
CA TYR A 15 -0.02 5.26 -0.81
C TYR A 15 0.06 3.86 -1.43
N GLY A 16 -1.06 3.28 -1.77
CA GLY A 16 -1.05 1.92 -2.37
C GLY A 16 -0.27 1.95 -3.69
N VAL A 17 -0.46 2.97 -4.49
CA VAL A 17 0.26 3.05 -5.79
C VAL A 17 1.76 3.26 -5.55
N ILE A 18 2.11 4.20 -4.70
CA ILE A 18 3.55 4.46 -4.44
C ILE A 18 4.20 3.24 -3.79
N LEU A 19 3.51 2.58 -2.89
CA LEU A 19 4.10 1.39 -2.23
C LEU A 19 4.20 0.24 -3.23
N THR A 20 3.18 0.03 -4.02
CA THR A 20 3.22 -1.08 -5.00
C THR A 20 4.31 -0.81 -6.04
N ALA A 21 4.48 0.41 -6.45
CA ALA A 21 5.53 0.73 -7.46
C ALA A 21 6.91 0.29 -6.94
N LEU A 22 7.23 0.65 -5.72
CA LEU A 22 8.55 0.25 -5.16
C LEU A 22 8.63 -1.27 -5.05
N PHE A 23 7.53 -1.92 -4.80
CA PHE A 23 7.55 -3.40 -4.68
C PHE A 23 7.88 -4.02 -6.04
N LEU A 24 7.18 -3.62 -7.07
CA LEU A 24 7.47 -4.19 -8.42
C LEU A 24 8.88 -3.81 -8.84
N ARG A 25 9.30 -2.61 -8.55
CA ARG A 25 10.68 -2.18 -8.94
C ARG A 25 11.71 -3.14 -8.33
N VAL A 26 11.53 -3.52 -7.10
CA VAL A 26 12.50 -4.45 -6.45
C VAL A 26 12.37 -5.84 -7.07
N LYS A 27 11.17 -6.24 -7.41
CA LYS A 27 10.98 -7.58 -8.02
C LYS A 27 11.83 -7.68 -9.30
N PHE A 28 11.85 -6.64 -10.10
CA PHE A 28 12.66 -6.68 -11.35
C PHE A 28 14.10 -6.29 -11.02
N SER A 29 14.40 -5.01 -11.04
CA SER A 29 15.77 -4.55 -10.74
C SER A 29 15.72 -3.14 -10.15
N ARG A 30 16.66 -2.80 -9.31
CA ARG A 30 16.66 -1.44 -8.70
C ARG A 30 16.77 -0.40 -9.80
N SER A 31 17.53 -0.67 -10.82
CA SER A 31 17.69 0.31 -11.93
C SER A 31 16.66 0.02 -13.03
N ALA A 32 16.20 1.03 -13.71
CA ALA A 32 15.19 0.81 -14.79
C ALA A 32 15.20 2.01 -15.75
N ASP A 33 14.84 1.79 -16.98
CA ASP A 33 14.82 2.91 -17.96
C ASP A 33 13.80 3.96 -17.52
N ASP B 1 -26.71 1.24 6.15
CA ASP B 1 -25.35 1.18 5.53
C ASP B 1 -24.56 2.43 5.94
N SER B 2 -24.56 2.75 7.21
CA SER B 2 -23.82 3.96 7.68
C SER B 2 -22.32 3.67 7.66
N LYS B 3 -21.51 4.68 7.80
CA LYS B 3 -20.03 4.48 7.79
C LYS B 3 -19.64 3.71 6.53
N LEU B 4 -20.34 3.90 5.46
CA LEU B 4 -20.00 3.19 4.20
C LEU B 4 -18.63 3.66 3.71
N CYS B 5 -18.36 4.93 3.81
CA CYS B 5 -17.04 5.44 3.36
C CYS B 5 -15.93 4.76 4.16
N TYR B 6 -16.18 4.46 5.40
CA TYR B 6 -15.14 3.80 6.24
C TYR B 6 -14.78 2.45 5.61
N LEU B 7 -15.68 1.87 4.86
CA LEU B 7 -15.38 0.56 4.23
C LEU B 7 -14.25 0.74 3.21
N LEU B 8 -14.27 1.82 2.47
CA LEU B 8 -13.19 2.06 1.47
C LEU B 8 -11.86 2.19 2.19
N ASP B 9 -11.83 2.92 3.28
CA ASP B 9 -10.56 3.10 4.03
C ASP B 9 -10.09 1.74 4.56
N GLY B 10 -11.01 0.92 4.99
CA GLY B 10 -10.62 -0.42 5.52
C GLY B 10 -9.90 -1.22 4.44
N ILE B 11 -10.47 -1.31 3.27
CA ILE B 11 -9.80 -2.07 2.18
C ILE B 11 -8.49 -1.40 1.79
N LEU B 12 -8.51 -0.11 1.58
CA LEU B 12 -7.26 0.60 1.20
C LEU B 12 -6.25 0.50 2.34
N PHE B 13 -6.70 0.64 3.56
CA PHE B 13 -5.77 0.56 4.72
C PHE B 13 -5.16 -0.85 4.76
N ILE B 14 -5.97 -1.86 4.82
CA ILE B 14 -5.43 -3.25 4.86
C ILE B 14 -4.48 -3.44 3.68
N TYR B 15 -4.84 -2.93 2.54
CA TYR B 15 -3.95 -3.08 1.34
C TYR B 15 -2.58 -2.47 1.65
N GLY B 16 -2.56 -1.33 2.30
CA GLY B 16 -1.25 -0.68 2.62
C GLY B 16 -0.46 -1.55 3.60
N VAL B 17 -1.14 -2.13 4.57
CA VAL B 17 -0.42 -2.97 5.56
C VAL B 17 0.15 -4.23 4.90
N ILE B 18 -0.66 -4.94 4.16
CA ILE B 18 -0.17 -6.17 3.49
C ILE B 18 0.97 -5.84 2.53
N LEU B 19 0.85 -4.78 1.79
CA LEU B 19 1.95 -4.40 0.84
C LEU B 19 3.21 -4.03 1.64
N THR B 20 3.05 -3.25 2.67
CA THR B 20 4.22 -2.83 3.49
C THR B 20 4.91 -4.07 4.10
N ALA B 21 4.14 -5.02 4.54
CA ALA B 21 4.74 -6.25 5.15
C ALA B 21 5.61 -6.96 4.10
N LEU B 22 5.07 -7.21 2.94
CA LEU B 22 5.88 -7.89 1.88
C LEU B 22 7.07 -7.01 1.49
N PHE B 23 6.91 -5.73 1.53
CA PHE B 23 8.05 -4.83 1.16
C PHE B 23 9.17 -4.96 2.18
N LEU B 24 8.87 -4.84 3.44
CA LEU B 24 9.92 -4.96 4.49
C LEU B 24 10.51 -6.37 4.46
N ARG B 25 9.68 -7.37 4.28
CA ARG B 25 10.19 -8.77 4.26
C ARG B 25 11.25 -8.90 3.17
N VAL B 26 11.11 -8.21 2.08
CA VAL B 26 12.11 -8.31 0.98
C VAL B 26 13.26 -7.33 1.25
N LYS B 27 12.99 -6.24 1.90
CA LYS B 27 14.06 -5.25 2.18
C LYS B 27 15.23 -5.95 2.87
N PHE B 28 14.94 -6.88 3.74
CA PHE B 28 16.04 -7.61 4.46
C PHE B 28 16.27 -8.95 3.77
N SER B 29 17.51 -9.27 3.48
CA SER B 29 17.82 -10.57 2.82
C SER B 29 19.19 -11.06 3.28
N ARG B 30 19.46 -12.33 3.12
CA ARG B 30 20.79 -12.87 3.56
C ARG B 30 21.08 -14.16 2.78
N SER B 31 22.30 -14.62 2.85
CA SER B 31 22.66 -15.87 2.11
C SER B 31 21.67 -16.98 2.49
N ALA B 32 21.18 -16.96 3.69
CA ALA B 32 20.21 -18.02 4.12
C ALA B 32 20.78 -19.40 3.81
N ASP B 33 20.39 -19.99 2.72
CA ASP B 33 20.92 -21.34 2.35
C ASP B 33 22.43 -21.25 2.15
N ASP A 1 -20.10 17.50 4.90
CA ASP A 1 -18.74 17.51 5.52
C ASP A 1 -17.68 17.65 4.42
N SER A 2 -17.96 18.42 3.41
CA SER A 2 -16.98 18.60 2.30
C SER A 2 -16.46 17.22 1.87
N LYS A 3 -17.18 16.18 2.18
CA LYS A 3 -16.73 14.81 1.78
C LYS A 3 -15.28 14.59 2.23
N LEU A 4 -14.97 14.95 3.44
CA LEU A 4 -13.57 14.76 3.93
C LEU A 4 -13.20 13.28 3.87
N CYS A 5 -14.11 12.41 4.22
CA CYS A 5 -13.81 10.95 4.18
C CYS A 5 -13.17 10.60 2.84
N TYR A 6 -13.62 11.20 1.78
CA TYR A 6 -13.03 10.90 0.45
C TYR A 6 -11.55 11.26 0.45
N LEU A 7 -11.16 12.21 1.26
CA LEU A 7 -9.71 12.61 1.31
C LEU A 7 -8.89 11.44 1.86
N LEU A 8 -9.41 10.75 2.85
CA LEU A 8 -8.65 9.60 3.42
C LEU A 8 -8.38 8.58 2.32
N ASP A 9 -9.34 8.34 1.48
CA ASP A 9 -9.14 7.35 0.38
C ASP A 9 -8.06 7.86 -0.56
N GLY A 10 -8.02 9.14 -0.82
CA GLY A 10 -6.97 9.69 -1.75
C GLY A 10 -5.58 9.41 -1.17
N ILE A 11 -5.36 9.76 0.06
CA ILE A 11 -4.02 9.51 0.68
C ILE A 11 -3.74 8.01 0.71
N LEU A 12 -4.66 7.24 1.21
CA LEU A 12 -4.44 5.76 1.28
C LEU A 12 -4.27 5.21 -0.14
N PHE A 13 -5.06 5.66 -1.07
CA PHE A 13 -4.94 5.15 -2.46
C PHE A 13 -3.56 5.51 -3.03
N ILE A 14 -3.21 6.77 -3.02
CA ILE A 14 -1.88 7.18 -3.56
C ILE A 14 -0.80 6.35 -2.87
N TYR A 15 -0.94 6.11 -1.60
CA TYR A 15 0.09 5.30 -0.87
C TYR A 15 0.18 3.92 -1.53
N GLY A 16 -0.93 3.32 -1.86
CA GLY A 16 -0.89 1.97 -2.49
C GLY A 16 -0.15 2.05 -3.82
N VAL A 17 -0.38 3.08 -4.58
CA VAL A 17 0.32 3.20 -5.89
C VAL A 17 1.81 3.40 -5.68
N ILE A 18 2.20 4.23 -4.75
CA ILE A 18 3.64 4.46 -4.50
C ILE A 18 4.27 3.23 -3.82
N LEU A 19 3.58 2.63 -2.90
CA LEU A 19 4.15 1.44 -2.20
C LEU A 19 4.25 0.27 -3.20
N THR A 20 3.26 0.12 -4.04
CA THR A 20 3.29 -1.00 -5.03
C THR A 20 4.38 -0.74 -6.07
N ALA A 21 4.53 0.48 -6.50
CA ALA A 21 5.57 0.79 -7.53
C ALA A 21 6.95 0.39 -6.99
N LEU A 22 7.25 0.75 -5.78
CA LEU A 22 8.58 0.37 -5.21
C LEU A 22 8.67 -1.15 -5.06
N PHE A 23 7.57 -1.79 -4.75
CA PHE A 23 7.60 -3.27 -4.58
C PHE A 23 7.94 -3.93 -5.93
N LEU A 24 7.22 -3.60 -6.96
CA LEU A 24 7.51 -4.21 -8.29
C LEU A 24 8.94 -3.87 -8.70
N ARG A 25 9.37 -2.65 -8.48
CA ARG A 25 10.75 -2.27 -8.85
C ARG A 25 11.75 -3.25 -8.22
N VAL A 26 11.50 -3.63 -7.00
CA VAL A 26 12.43 -4.59 -6.33
C VAL A 26 12.31 -5.97 -6.97
N LYS A 27 11.12 -6.36 -7.34
CA LYS A 27 10.94 -7.70 -7.99
C LYS A 27 11.86 -7.80 -9.20
N PHE A 28 11.98 -6.74 -9.95
CA PHE A 28 12.87 -6.78 -11.15
C PHE A 28 13.16 -5.35 -11.63
N SER A 29 14.13 -5.20 -12.50
CA SER A 29 14.47 -3.85 -13.02
C SER A 29 15.17 -3.98 -14.37
N ARG A 30 15.74 -5.14 -14.64
CA ARG A 30 16.43 -5.33 -15.93
C ARG A 30 15.47 -5.00 -17.07
N SER A 31 14.23 -5.42 -16.96
CA SER A 31 13.25 -5.11 -18.03
C SER A 31 13.03 -3.60 -18.12
N ALA A 32 13.07 -2.92 -16.99
CA ALA A 32 12.87 -1.44 -17.01
C ALA A 32 13.78 -0.81 -18.06
N ASP A 33 13.31 0.20 -18.73
CA ASP A 33 14.14 0.86 -19.79
C ASP A 33 13.57 2.24 -20.09
N ASP B 1 -23.06 6.99 11.14
CA ASP B 1 -24.30 6.30 10.66
C ASP B 1 -23.92 5.12 9.77
N SER B 2 -24.30 5.17 8.52
CA SER B 2 -23.95 4.04 7.59
C SER B 2 -22.44 3.84 7.58
N LYS B 3 -21.69 4.90 7.70
CA LYS B 3 -20.21 4.76 7.69
C LYS B 3 -19.76 3.94 6.48
N LEU B 4 -20.55 3.92 5.44
CA LEU B 4 -20.16 3.14 4.23
C LEU B 4 -18.78 3.60 3.75
N CYS B 5 -18.54 4.88 3.78
CA CYS B 5 -17.22 5.40 3.33
C CYS B 5 -16.11 4.76 4.18
N TYR B 6 -16.39 4.51 5.42
CA TYR B 6 -15.36 3.88 6.29
C TYR B 6 -14.93 2.54 5.70
N LEU B 7 -15.78 1.93 4.90
CA LEU B 7 -15.42 0.63 4.29
C LEU B 7 -14.24 0.83 3.32
N LEU B 8 -14.25 1.90 2.57
CA LEU B 8 -13.14 2.14 1.62
C LEU B 8 -11.83 2.27 2.40
N ASP B 9 -11.82 3.03 3.46
CA ASP B 9 -10.58 3.19 4.25
C ASP B 9 -10.12 1.83 4.77
N GLY B 10 -11.04 0.98 5.14
CA GLY B 10 -10.66 -0.36 5.65
C GLY B 10 -9.91 -1.15 4.57
N ILE B 11 -10.48 -1.23 3.39
CA ILE B 11 -9.81 -1.98 2.30
C ILE B 11 -8.49 -1.29 1.92
N LEU B 12 -8.56 -0.04 1.55
CA LEU B 12 -7.30 0.67 1.18
C LEU B 12 -6.28 0.57 2.31
N PHE B 13 -6.72 0.74 3.53
CA PHE B 13 -5.78 0.66 4.68
C PHE B 13 -5.14 -0.73 4.73
N ILE B 14 -5.95 -1.76 4.76
CA ILE B 14 -5.39 -3.14 4.82
C ILE B 14 -4.46 -3.35 3.62
N TYR B 15 -4.80 -2.81 2.48
CA TYR B 15 -3.94 -2.99 1.28
C TYR B 15 -2.55 -2.42 1.58
N GLY B 16 -2.47 -1.29 2.21
CA GLY B 16 -1.14 -0.68 2.52
C GLY B 16 -0.39 -1.55 3.53
N VAL B 17 -1.08 -2.09 4.50
CA VAL B 17 -0.40 -2.93 5.52
C VAL B 17 0.13 -4.21 4.86
N ILE B 18 -0.65 -4.84 4.05
CA ILE B 18 -0.18 -6.10 3.39
C ILE B 18 0.96 -5.80 2.42
N LEU B 19 0.93 -4.65 1.79
CA LEU B 19 2.01 -4.31 0.81
C LEU B 19 3.29 -3.95 1.59
N THR B 20 3.16 -3.14 2.61
CA THR B 20 4.37 -2.73 3.40
C THR B 20 5.03 -3.97 4.01
N ALA B 21 4.24 -4.90 4.48
CA ALA B 21 4.83 -6.12 5.11
C ALA B 21 5.71 -6.86 4.08
N LEU B 22 5.21 -7.05 2.89
CA LEU B 22 6.01 -7.76 1.86
C LEU B 22 7.22 -6.91 1.46
N PHE B 23 7.07 -5.61 1.45
CA PHE B 23 8.21 -4.74 1.06
C PHE B 23 9.37 -4.91 2.05
N LEU B 24 9.09 -4.79 3.33
CA LEU B 24 10.18 -4.94 4.33
C LEU B 24 10.69 -6.38 4.33
N ARG B 25 9.82 -7.33 4.17
CA ARG B 25 10.25 -8.76 4.15
C ARG B 25 11.31 -8.96 3.07
N VAL B 26 11.08 -8.43 1.90
CA VAL B 26 12.08 -8.59 0.80
C VAL B 26 13.32 -7.74 1.12
N LYS B 27 13.15 -6.64 1.79
CA LYS B 27 14.31 -5.78 2.13
C LYS B 27 15.33 -6.60 2.93
N PHE B 28 14.88 -7.35 3.90
CA PHE B 28 15.84 -8.17 4.70
C PHE B 28 15.10 -9.36 5.34
N SER B 29 15.82 -10.36 5.76
CA SER B 29 15.17 -11.54 6.40
C SER B 29 16.20 -12.27 7.28
N ARG B 30 15.74 -13.09 8.19
CA ARG B 30 16.69 -13.82 9.07
C ARG B 30 17.58 -14.74 8.23
N SER B 31 17.07 -15.24 7.14
CA SER B 31 17.89 -16.15 6.29
C SER B 31 19.21 -15.46 5.94
N ALA B 32 20.29 -16.21 5.89
CA ALA B 32 21.61 -15.59 5.55
C ALA B 32 22.54 -16.66 5.00
N ASP B 33 23.51 -16.27 4.22
CA ASP B 33 24.46 -17.28 3.65
C ASP B 33 25.59 -16.55 2.93
N ASP A 1 -19.25 12.33 7.46
CA ASP A 1 -19.66 13.76 7.45
C ASP A 1 -18.88 14.52 6.37
N SER A 2 -19.56 15.34 5.62
CA SER A 2 -18.85 16.12 4.55
C SER A 2 -18.06 15.16 3.66
N LYS A 3 -17.42 15.66 2.65
CA LYS A 3 -16.63 14.77 1.74
C LYS A 3 -15.23 14.58 2.31
N LEU A 4 -15.03 14.90 3.55
CA LEU A 4 -13.68 14.73 4.17
C LEU A 4 -13.26 13.26 4.05
N CYS A 5 -14.18 12.35 4.17
CA CYS A 5 -13.84 10.91 4.06
C CYS A 5 -13.14 10.64 2.73
N TYR A 6 -13.53 11.33 1.69
CA TYR A 6 -12.88 11.11 0.37
C TYR A 6 -11.39 11.43 0.46
N LEU A 7 -11.02 12.37 1.30
CA LEU A 7 -9.59 12.72 1.43
C LEU A 7 -8.80 11.52 1.98
N LEU A 8 -9.38 10.77 2.87
CA LEU A 8 -8.68 9.59 3.44
C LEU A 8 -8.39 8.59 2.32
N ASP A 9 -9.34 8.33 1.48
CA ASP A 9 -9.12 7.35 0.38
C ASP A 9 -8.00 7.85 -0.53
N GLY A 10 -7.95 9.12 -0.79
CA GLY A 10 -6.88 9.67 -1.68
C GLY A 10 -5.51 9.39 -1.07
N ILE A 11 -5.32 9.73 0.17
CA ILE A 11 -4.00 9.48 0.83
C ILE A 11 -3.74 7.97 0.91
N LEU A 12 -4.72 7.22 1.31
CA LEU A 12 -4.53 5.74 1.41
C LEU A 12 -4.37 5.16 0.00
N PHE A 13 -5.15 5.63 -0.95
CA PHE A 13 -5.04 5.10 -2.33
C PHE A 13 -3.65 5.42 -2.90
N ILE A 14 -3.29 6.67 -2.91
CA ILE A 14 -1.95 7.04 -3.45
C ILE A 14 -0.88 6.24 -2.72
N TYR A 15 -1.04 6.06 -1.43
CA TYR A 15 -0.03 5.28 -0.65
C TYR A 15 0.09 3.87 -1.24
N GLY A 16 -1.00 3.27 -1.61
CA GLY A 16 -0.95 1.90 -2.17
C GLY A 16 -0.25 1.92 -3.54
N VAL A 17 -0.47 2.93 -4.32
CA VAL A 17 0.18 3.00 -5.67
C VAL A 17 1.69 3.23 -5.51
N ILE A 18 2.08 4.14 -4.66
CA ILE A 18 3.54 4.42 -4.49
C ILE A 18 4.23 3.17 -3.91
N LEU A 19 3.61 2.52 -2.96
CA LEU A 19 4.24 1.31 -2.37
C LEU A 19 4.32 0.19 -3.43
N THR A 20 3.26 -0.02 -4.16
CA THR A 20 3.28 -1.08 -5.20
C THR A 20 4.37 -0.80 -6.23
N ALA A 21 4.54 0.45 -6.60
CA ALA A 21 5.59 0.78 -7.61
C ALA A 21 6.96 0.38 -7.07
N LEU A 22 7.30 0.78 -5.88
CA LEU A 22 8.61 0.40 -5.30
C LEU A 22 8.68 -1.12 -5.14
N PHE A 23 7.57 -1.75 -4.86
CA PHE A 23 7.58 -3.24 -4.69
C PHE A 23 7.91 -3.88 -6.04
N LEU A 24 7.24 -3.51 -7.09
CA LEU A 24 7.54 -4.11 -8.42
C LEU A 24 8.97 -3.78 -8.83
N ARG A 25 9.37 -2.54 -8.69
CA ARG A 25 10.75 -2.16 -9.07
C ARG A 25 11.75 -3.09 -8.38
N VAL A 26 11.49 -3.44 -7.15
CA VAL A 26 12.42 -4.35 -6.42
C VAL A 26 12.21 -5.79 -6.90
N LYS A 27 10.99 -6.15 -7.19
CA LYS A 27 10.70 -7.54 -7.66
C LYS A 27 11.59 -7.86 -8.87
N PHE A 28 11.60 -7.00 -9.85
CA PHE A 28 12.44 -7.26 -11.06
C PHE A 28 13.86 -6.73 -10.82
N SER A 29 14.84 -7.58 -10.93
CA SER A 29 16.25 -7.13 -10.72
C SER A 29 16.69 -6.24 -11.89
N ARG A 30 16.02 -6.32 -13.00
CA ARG A 30 16.41 -5.48 -14.17
C ARG A 30 16.54 -4.03 -13.72
N SER A 31 15.73 -3.61 -12.80
CA SER A 31 15.80 -2.20 -12.32
C SER A 31 17.08 -2.03 -11.48
N ALA A 32 17.76 -0.93 -11.63
CA ALA A 32 19.01 -0.70 -10.84
C ALA A 32 18.64 -0.09 -9.49
N ASP A 33 19.02 -0.74 -8.41
CA ASP A 33 18.70 -0.19 -7.06
C ASP A 33 19.67 -0.77 -6.04
N ASP B 1 -24.71 10.71 3.74
CA ASP B 1 -23.44 10.59 4.51
C ASP B 1 -23.42 9.26 5.25
N SER B 2 -23.62 8.17 4.57
CA SER B 2 -23.62 6.84 5.26
C SER B 2 -22.19 6.51 5.70
N LYS B 3 -22.06 5.61 6.65
CA LYS B 3 -20.70 5.24 7.12
C LYS B 3 -20.08 4.24 6.14
N LEU B 4 -20.71 4.03 5.02
CA LEU B 4 -20.15 3.08 4.02
C LEU B 4 -18.77 3.55 3.58
N CYS B 5 -18.55 4.84 3.54
CA CYS B 5 -17.22 5.36 3.12
C CYS B 5 -16.13 4.73 3.99
N TYR B 6 -16.41 4.52 5.24
CA TYR B 6 -15.39 3.93 6.16
C TYR B 6 -14.93 2.59 5.58
N LEU B 7 -15.77 1.92 4.84
CA LEU B 7 -15.39 0.61 4.25
C LEU B 7 -14.24 0.80 3.26
N LEU B 8 -14.25 1.88 2.51
CA LEU B 8 -13.16 2.12 1.54
C LEU B 8 -11.83 2.26 2.28
N ASP B 9 -11.81 3.04 3.33
CA ASP B 9 -10.54 3.23 4.09
C ASP B 9 -10.08 1.88 4.65
N GLY B 10 -11.00 1.05 5.08
CA GLY B 10 -10.61 -0.27 5.64
C GLY B 10 -9.90 -1.11 4.58
N ILE B 11 -10.46 -1.22 3.41
CA ILE B 11 -9.81 -2.03 2.34
C ILE B 11 -8.49 -1.38 1.93
N LEU B 12 -8.50 -0.09 1.68
CA LEU B 12 -7.24 0.59 1.27
C LEU B 12 -6.22 0.51 2.41
N PHE B 13 -6.64 0.71 3.63
CA PHE B 13 -5.69 0.65 4.76
C PHE B 13 -5.08 -0.75 4.85
N ILE B 14 -5.90 -1.77 4.90
CA ILE B 14 -5.36 -3.15 4.98
C ILE B 14 -4.42 -3.40 3.81
N TYR B 15 -4.76 -2.90 2.66
CA TYR B 15 -3.88 -3.09 1.46
C TYR B 15 -2.51 -2.46 1.74
N GLY B 16 -2.48 -1.31 2.35
CA GLY B 16 -1.18 -0.65 2.64
C GLY B 16 -0.36 -1.51 3.60
N VAL B 17 -1.00 -2.10 4.57
CA VAL B 17 -0.26 -2.95 5.55
C VAL B 17 0.26 -4.22 4.84
N ILE B 18 -0.58 -4.85 4.07
CA ILE B 18 -0.14 -6.10 3.36
C ILE B 18 0.93 -5.76 2.32
N LEU B 19 0.83 -4.62 1.69
CA LEU B 19 1.83 -4.25 0.66
C LEU B 19 3.14 -3.83 1.35
N THR B 20 3.05 -3.08 2.41
CA THR B 20 4.28 -2.64 3.12
C THR B 20 4.98 -3.85 3.74
N ALA B 21 4.23 -4.79 4.25
CA ALA B 21 4.86 -5.99 4.88
C ALA B 21 5.73 -6.72 3.83
N LEU B 22 5.19 -6.97 2.68
CA LEU B 22 5.98 -7.67 1.63
C LEU B 22 7.18 -6.81 1.23
N PHE B 23 7.03 -5.52 1.25
CA PHE B 23 8.17 -4.63 0.88
C PHE B 23 9.29 -4.76 1.92
N LEU B 24 8.96 -4.64 3.18
CA LEU B 24 10.01 -4.74 4.22
C LEU B 24 10.57 -6.17 4.27
N ARG B 25 9.72 -7.16 4.18
CA ARG B 25 10.22 -8.56 4.22
C ARG B 25 11.29 -8.77 3.14
N VAL B 26 11.07 -8.22 1.97
CA VAL B 26 12.08 -8.38 0.89
C VAL B 26 13.34 -7.60 1.25
N LYS B 27 13.21 -6.48 1.89
CA LYS B 27 14.40 -5.69 2.28
C LYS B 27 15.31 -6.53 3.19
N PHE B 28 14.72 -7.25 4.10
CA PHE B 28 15.53 -8.10 5.03
C PHE B 28 15.60 -9.52 4.48
N SER B 29 16.78 -10.04 4.28
CA SER B 29 16.90 -11.43 3.74
C SER B 29 16.52 -12.43 4.83
N ARG B 30 16.50 -12.01 6.07
CA ARG B 30 16.14 -12.95 7.17
C ARG B 30 14.74 -13.51 6.92
N SER B 31 13.86 -12.72 6.39
CA SER B 31 12.47 -13.21 6.12
C SER B 31 12.54 -14.34 5.09
N ALA B 32 13.41 -14.21 4.11
CA ALA B 32 13.53 -15.27 3.07
C ALA B 32 14.30 -16.46 3.64
N ASP B 33 15.36 -16.18 4.36
CA ASP B 33 16.17 -17.29 4.94
C ASP B 33 17.07 -16.74 6.06
N ASP A 1 -17.28 18.03 5.70
CA ASP A 1 -17.79 18.05 4.30
C ASP A 1 -18.14 16.62 3.87
N SER A 2 -19.11 16.47 3.02
CA SER A 2 -19.51 15.11 2.55
C SER A 2 -18.34 14.47 1.80
N LYS A 3 -17.55 15.25 1.12
CA LYS A 3 -16.40 14.68 0.35
C LYS A 3 -15.24 14.40 1.31
N LEU A 4 -15.46 14.49 2.58
CA LEU A 4 -14.36 14.23 3.56
C LEU A 4 -13.73 12.87 3.24
N CYS A 5 -14.53 11.90 2.93
CA CYS A 5 -13.98 10.54 2.61
C CYS A 5 -13.04 10.64 1.41
N TYR A 6 -13.24 11.62 0.57
CA TYR A 6 -12.36 11.77 -0.63
C TYR A 6 -10.93 12.11 -0.17
N LEU A 7 -10.80 12.73 0.97
CA LEU A 7 -9.44 13.11 1.46
C LEU A 7 -8.73 11.88 2.04
N LEU A 8 -9.39 11.14 2.87
CA LEU A 8 -8.74 9.94 3.47
C LEU A 8 -8.46 8.91 2.37
N ASP A 9 -9.43 8.65 1.54
CA ASP A 9 -9.22 7.66 0.45
C ASP A 9 -8.10 8.15 -0.46
N GLY A 10 -8.03 9.43 -0.71
CA GLY A 10 -6.97 9.96 -1.60
C GLY A 10 -5.59 9.60 -1.03
N ILE A 11 -5.34 9.90 0.22
CA ILE A 11 -4.01 9.57 0.80
C ILE A 11 -3.80 8.06 0.81
N LEU A 12 -4.71 7.31 1.36
CA LEU A 12 -4.54 5.83 1.40
C LEU A 12 -4.39 5.30 -0.04
N PHE A 13 -5.20 5.80 -0.94
CA PHE A 13 -5.12 5.32 -2.35
C PHE A 13 -3.73 5.65 -2.91
N ILE A 14 -3.33 6.89 -2.87
CA ILE A 14 -1.99 7.26 -3.39
C ILE A 14 -0.92 6.41 -2.71
N TYR A 15 -1.07 6.16 -1.43
CA TYR A 15 -0.06 5.34 -0.70
C TYR A 15 0.02 3.95 -1.34
N GLY A 16 -1.09 3.40 -1.73
CA GLY A 16 -1.07 2.04 -2.35
C GLY A 16 -0.30 2.08 -3.67
N VAL A 17 -0.49 3.11 -4.44
CA VAL A 17 0.23 3.20 -5.75
C VAL A 17 1.73 3.38 -5.52
N ILE A 18 2.10 4.23 -4.61
CA ILE A 18 3.55 4.46 -4.35
C ILE A 18 4.17 3.23 -3.68
N LEU A 19 3.46 2.57 -2.82
CA LEU A 19 4.03 1.38 -2.13
C LEU A 19 4.14 0.21 -3.14
N THR A 20 3.11 0.00 -3.92
CA THR A 20 3.15 -1.12 -4.90
C THR A 20 4.20 -0.83 -5.98
N ALA A 21 4.34 0.41 -6.37
CA ALA A 21 5.33 0.77 -7.43
C ALA A 21 6.74 0.39 -6.96
N LEU A 22 7.09 0.75 -5.76
CA LEU A 22 8.46 0.42 -5.25
C LEU A 22 8.59 -1.10 -5.09
N PHE A 23 7.52 -1.77 -4.77
CA PHE A 23 7.60 -3.25 -4.61
C PHE A 23 7.90 -3.90 -5.97
N LEU A 24 7.17 -3.54 -6.98
CA LEU A 24 7.41 -4.15 -8.33
C LEU A 24 8.81 -3.74 -8.82
N ARG A 25 9.21 -2.52 -8.58
CA ARG A 25 10.55 -2.08 -9.03
C ARG A 25 11.62 -3.00 -8.44
N VAL A 26 11.47 -3.38 -7.20
CA VAL A 26 12.47 -4.29 -6.56
C VAL A 26 12.33 -5.68 -7.17
N LYS A 27 11.15 -6.05 -7.57
CA LYS A 27 10.96 -7.41 -8.17
C LYS A 27 11.88 -7.56 -9.39
N PHE A 28 12.07 -6.51 -10.14
CA PHE A 28 12.97 -6.59 -11.33
C PHE A 28 14.37 -6.10 -10.96
N SER A 29 15.38 -6.61 -11.59
CA SER A 29 16.76 -6.16 -11.27
C SER A 29 17.68 -6.43 -12.46
N ARG A 30 17.60 -7.59 -13.05
CA ARG A 30 18.45 -7.91 -14.22
C ARG A 30 18.16 -6.93 -15.36
N SER A 31 16.91 -6.59 -15.55
CA SER A 31 16.55 -5.63 -16.63
C SER A 31 17.24 -6.06 -17.94
N ALA A 32 17.48 -7.33 -18.11
CA ALA A 32 18.14 -7.80 -19.37
C ALA A 32 17.20 -7.57 -20.54
N ASP A 33 15.92 -7.70 -20.34
CA ASP A 33 14.95 -7.49 -21.45
C ASP A 33 15.42 -8.27 -22.69
N ASP B 1 -24.03 -0.60 4.67
CA ASP B 1 -24.14 0.72 3.99
C ASP B 1 -23.80 1.83 4.98
N SER B 2 -24.19 1.67 6.22
CA SER B 2 -23.88 2.71 7.24
C SER B 2 -22.37 2.91 7.32
N LYS B 3 -21.93 4.14 7.46
CA LYS B 3 -20.47 4.40 7.54
C LYS B 3 -19.76 3.66 6.40
N LEU B 4 -20.32 3.70 5.22
CA LEU B 4 -19.70 3.00 4.07
C LEU B 4 -18.26 3.47 3.90
N CYS B 5 -18.02 4.75 4.05
CA CYS B 5 -16.63 5.27 3.88
C CYS B 5 -15.69 4.50 4.80
N TYR B 6 -16.12 4.15 5.98
CA TYR B 6 -15.25 3.40 6.91
C TYR B 6 -14.78 2.11 6.23
N LEU B 7 -15.59 1.55 5.37
CA LEU B 7 -15.20 0.30 4.68
C LEU B 7 -14.13 0.60 3.62
N LEU B 8 -14.34 1.64 2.85
CA LEU B 8 -13.34 1.99 1.80
C LEU B 8 -11.96 2.15 2.45
N ASP B 9 -11.89 2.88 3.53
CA ASP B 9 -10.58 3.09 4.20
C ASP B 9 -10.05 1.73 4.70
N GLY B 10 -10.93 0.87 5.13
CA GLY B 10 -10.48 -0.46 5.64
C GLY B 10 -9.74 -1.20 4.53
N ILE B 11 -10.34 -1.33 3.37
CA ILE B 11 -9.67 -2.05 2.26
C ILE B 11 -8.38 -1.33 1.88
N LEU B 12 -8.46 -0.05 1.60
CA LEU B 12 -7.24 0.72 1.22
C LEU B 12 -6.21 0.61 2.34
N PHE B 13 -6.63 0.75 3.57
CA PHE B 13 -5.67 0.67 4.71
C PHE B 13 -5.07 -0.74 4.77
N ILE B 14 -5.90 -1.74 4.84
CA ILE B 14 -5.37 -3.14 4.88
C ILE B 14 -4.45 -3.38 3.68
N TYR B 15 -4.82 -2.86 2.55
CA TYR B 15 -3.97 -3.05 1.34
C TYR B 15 -2.59 -2.46 1.59
N GLY B 16 -2.51 -1.33 2.23
CA GLY B 16 -1.18 -0.70 2.49
C GLY B 16 -0.42 -1.53 3.53
N VAL B 17 -1.10 -2.03 4.52
CA VAL B 17 -0.39 -2.85 5.56
C VAL B 17 0.15 -4.13 4.94
N ILE B 18 -0.63 -4.82 4.15
CA ILE B 18 -0.14 -6.07 3.52
C ILE B 18 1.00 -5.76 2.56
N LEU B 19 0.88 -4.73 1.78
CA LEU B 19 1.97 -4.38 0.82
C LEU B 19 3.23 -4.00 1.61
N THR B 20 3.09 -3.19 2.63
CA THR B 20 4.28 -2.78 3.43
C THR B 20 4.93 -4.00 4.07
N ALA B 21 4.14 -4.92 4.57
CA ALA B 21 4.75 -6.12 5.22
C ALA B 21 5.57 -6.90 4.19
N LEU B 22 5.00 -7.19 3.05
CA LEU B 22 5.76 -7.95 2.01
C LEU B 22 6.95 -7.10 1.54
N PHE B 23 6.81 -5.81 1.54
CA PHE B 23 7.95 -4.94 1.09
C PHE B 23 9.13 -5.11 2.05
N LEU B 24 8.88 -4.99 3.33
CA LEU B 24 10.00 -5.15 4.31
C LEU B 24 10.55 -6.57 4.24
N ARG B 25 9.69 -7.54 4.04
CA ARG B 25 10.17 -8.95 3.97
C ARG B 25 11.26 -9.06 2.89
N VAL B 26 11.09 -8.36 1.79
CA VAL B 26 12.10 -8.42 0.71
C VAL B 26 13.35 -7.64 1.14
N LYS B 27 13.17 -6.60 1.89
CA LYS B 27 14.34 -5.79 2.35
C LYS B 27 15.27 -6.67 3.19
N PHE B 28 14.72 -7.47 4.06
CA PHE B 28 15.56 -8.36 4.92
C PHE B 28 15.63 -9.75 4.29
N SER B 29 16.82 -10.26 4.10
CA SER B 29 16.96 -11.61 3.50
C SER B 29 16.20 -12.63 4.34
N ARG B 30 16.17 -12.46 5.63
CA ARG B 30 15.44 -13.42 6.50
C ARG B 30 13.94 -13.33 6.21
N SER B 31 13.24 -14.43 6.30
CA SER B 31 11.77 -14.39 6.04
C SER B 31 11.07 -13.63 7.16
N ALA B 32 9.94 -13.03 6.87
CA ALA B 32 9.22 -12.28 7.94
C ALA B 32 8.91 -13.22 9.10
N ASP B 33 9.41 -12.91 10.26
CA ASP B 33 9.15 -13.79 11.44
C ASP B 33 7.65 -13.95 11.63
N ASP A 1 -16.16 19.11 5.31
CA ASP A 1 -17.35 18.92 4.44
C ASP A 1 -17.60 17.41 4.25
N SER A 2 -18.74 17.04 3.73
CA SER A 2 -19.05 15.60 3.53
C SER A 2 -18.00 14.98 2.61
N LYS A 3 -17.47 15.73 1.69
CA LYS A 3 -16.45 15.18 0.76
C LYS A 3 -15.14 14.91 1.53
N LEU A 4 -15.20 15.00 2.83
CA LEU A 4 -13.96 14.75 3.64
C LEU A 4 -13.48 13.31 3.43
N CYS A 5 -14.39 12.38 3.34
CA CYS A 5 -13.97 10.95 3.15
C CYS A 5 -13.12 10.83 1.88
N TYR A 6 -13.41 11.61 0.88
CA TYR A 6 -12.62 11.52 -0.38
C TYR A 6 -11.14 11.78 -0.08
N LEU A 7 -10.86 12.62 0.88
CA LEU A 7 -9.44 12.92 1.22
C LEU A 7 -8.79 11.67 1.85
N LEU A 8 -9.50 10.96 2.67
CA LEU A 8 -8.92 9.75 3.31
C LEU A 8 -8.57 8.72 2.22
N ASP A 9 -9.47 8.48 1.31
CA ASP A 9 -9.19 7.49 0.24
C ASP A 9 -8.03 7.98 -0.63
N GLY A 10 -7.97 9.26 -0.89
CA GLY A 10 -6.86 9.80 -1.73
C GLY A 10 -5.52 9.47 -1.08
N ILE A 11 -5.37 9.75 0.19
CA ILE A 11 -4.08 9.45 0.87
C ILE A 11 -3.84 7.94 0.89
N LEU A 12 -4.76 7.18 1.41
CA LEU A 12 -4.58 5.71 1.47
C LEU A 12 -4.40 5.16 0.05
N PHE A 13 -5.16 5.65 -0.89
CA PHE A 13 -5.03 5.15 -2.29
C PHE A 13 -3.63 5.48 -2.83
N ILE A 14 -3.27 6.73 -2.86
CA ILE A 14 -1.92 7.11 -3.37
C ILE A 14 -0.86 6.30 -2.64
N TYR A 15 -1.06 6.06 -1.37
CA TYR A 15 -0.05 5.27 -0.59
C TYR A 15 0.08 3.87 -1.20
N GLY A 16 -1.01 3.27 -1.57
CA GLY A 16 -0.95 1.90 -2.16
C GLY A 16 -0.24 1.94 -3.52
N VAL A 17 -0.53 2.94 -4.32
CA VAL A 17 0.12 3.03 -5.66
C VAL A 17 1.64 3.22 -5.50
N ILE A 18 2.05 4.13 -4.67
CA ILE A 18 3.51 4.36 -4.49
C ILE A 18 4.18 3.11 -3.92
N LEU A 19 3.55 2.44 -2.99
CA LEU A 19 4.15 1.22 -2.40
C LEU A 19 4.26 0.12 -3.48
N THR A 20 3.20 -0.09 -4.23
CA THR A 20 3.24 -1.14 -5.28
C THR A 20 4.34 -0.84 -6.29
N ALA A 21 4.50 0.41 -6.66
CA ALA A 21 5.56 0.75 -7.66
C ALA A 21 6.93 0.36 -7.11
N LEU A 22 7.24 0.75 -5.90
CA LEU A 22 8.55 0.39 -5.30
C LEU A 22 8.66 -1.13 -5.14
N PHE A 23 7.57 -1.78 -4.86
CA PHE A 23 7.61 -3.26 -4.69
C PHE A 23 8.03 -3.92 -6.00
N LEU A 24 7.37 -3.61 -7.09
CA LEU A 24 7.74 -4.22 -8.38
C LEU A 24 9.15 -3.78 -8.79
N ARG A 25 9.51 -2.55 -8.51
CA ARG A 25 10.87 -2.07 -8.88
C ARG A 25 11.91 -3.00 -8.28
N VAL A 26 11.72 -3.42 -7.06
CA VAL A 26 12.71 -4.34 -6.43
C VAL A 26 12.61 -5.72 -7.06
N LYS A 27 11.44 -6.11 -7.49
CA LYS A 27 11.28 -7.44 -8.12
C LYS A 27 12.24 -7.56 -9.31
N PHE A 28 12.48 -6.49 -10.01
CA PHE A 28 13.41 -6.54 -11.18
C PHE A 28 14.83 -6.21 -10.71
N SER A 29 15.76 -7.09 -10.95
CA SER A 29 17.17 -6.83 -10.51
C SER A 29 17.69 -5.58 -11.21
N ARG A 30 17.43 -5.44 -12.48
CA ARG A 30 17.92 -4.24 -13.21
C ARG A 30 17.37 -2.98 -12.56
N SER A 31 16.17 -3.05 -12.04
CA SER A 31 15.58 -1.86 -11.38
C SER A 31 15.71 -0.64 -12.28
N ALA A 32 15.69 0.54 -11.73
CA ALA A 32 15.81 1.76 -12.57
C ALA A 32 17.15 1.73 -13.31
N ASP A 33 18.19 1.28 -12.65
CA ASP A 33 19.53 1.22 -13.33
C ASP A 33 19.68 -0.11 -14.06
N ASP B 1 -26.18 1.71 5.03
CA ASP B 1 -26.46 3.13 4.67
C ASP B 1 -25.87 4.05 5.75
N SER B 2 -24.76 3.68 6.32
CA SER B 2 -24.14 4.53 7.37
C SER B 2 -22.67 4.16 7.54
N LYS B 3 -21.83 5.13 7.83
CA LYS B 3 -20.38 4.82 8.00
C LYS B 3 -19.87 4.02 6.81
N LEU B 4 -20.43 4.22 5.65
CA LEU B 4 -19.97 3.46 4.45
C LEU B 4 -18.51 3.81 4.17
N CYS B 5 -18.13 5.04 4.37
CA CYS B 5 -16.72 5.46 4.10
C CYS B 5 -15.78 4.58 4.92
N TYR B 6 -16.18 4.17 6.09
CA TYR B 6 -15.30 3.32 6.93
C TYR B 6 -14.96 2.03 6.17
N LEU B 7 -15.80 1.64 5.24
CA LEU B 7 -15.52 0.40 4.46
C LEU B 7 -14.42 0.67 3.43
N LEU B 8 -14.50 1.77 2.74
CA LEU B 8 -13.45 2.08 1.72
C LEU B 8 -12.10 2.20 2.41
N ASP B 9 -12.03 2.92 3.50
CA ASP B 9 -10.74 3.08 4.22
C ASP B 9 -10.27 1.71 4.72
N GLY B 10 -11.18 0.86 5.11
CA GLY B 10 -10.78 -0.49 5.60
C GLY B 10 -10.01 -1.24 4.51
N ILE B 11 -10.57 -1.35 3.34
CA ILE B 11 -9.87 -2.07 2.24
C ILE B 11 -8.57 -1.35 1.89
N LEU B 12 -8.64 -0.07 1.64
CA LEU B 12 -7.41 0.69 1.27
C LEU B 12 -6.39 0.60 2.42
N PHE B 13 -6.84 0.74 3.64
CA PHE B 13 -5.90 0.68 4.79
C PHE B 13 -5.28 -0.72 4.88
N ILE B 14 -6.09 -1.74 4.92
CA ILE B 14 -5.54 -3.12 5.02
C ILE B 14 -4.57 -3.36 3.86
N TYR B 15 -4.92 -2.94 2.68
CA TYR B 15 -4.00 -3.15 1.52
C TYR B 15 -2.66 -2.46 1.81
N GLY B 16 -2.68 -1.32 2.44
CA GLY B 16 -1.41 -0.60 2.73
C GLY B 16 -0.55 -1.43 3.70
N VAL B 17 -1.16 -1.99 4.70
CA VAL B 17 -0.37 -2.80 5.68
C VAL B 17 0.18 -4.07 5.02
N ILE B 18 -0.65 -4.78 4.30
CA ILE B 18 -0.17 -6.04 3.65
C ILE B 18 0.89 -5.72 2.59
N LEU B 19 0.71 -4.67 1.84
CA LEU B 19 1.71 -4.33 0.80
C LEU B 19 3.02 -3.87 1.47
N THR B 20 2.92 -3.14 2.53
CA THR B 20 4.16 -2.66 3.22
C THR B 20 4.90 -3.85 3.84
N ALA B 21 4.18 -4.77 4.41
CA ALA B 21 4.84 -5.96 5.04
C ALA B 21 5.67 -6.72 3.99
N LEU B 22 5.09 -6.99 2.85
CA LEU B 22 5.83 -7.72 1.79
C LEU B 22 7.05 -6.90 1.36
N PHE B 23 6.94 -5.61 1.35
CA PHE B 23 8.10 -4.77 0.93
C PHE B 23 9.24 -4.94 1.94
N LEU B 24 8.96 -4.81 3.20
CA LEU B 24 10.03 -4.97 4.23
C LEU B 24 10.57 -6.40 4.18
N ARG B 25 9.72 -7.37 4.06
CA ARG B 25 10.19 -8.78 4.01
C ARG B 25 11.22 -8.94 2.90
N VAL B 26 11.00 -8.29 1.78
CA VAL B 26 11.98 -8.39 0.65
C VAL B 26 13.26 -7.65 1.02
N LYS B 27 13.16 -6.65 1.85
CA LYS B 27 14.38 -5.88 2.24
C LYS B 27 15.42 -6.83 2.83
N PHE B 28 15.02 -7.75 3.67
CA PHE B 28 15.99 -8.71 4.27
C PHE B 28 15.32 -10.08 4.42
N SER B 29 16.07 -11.14 4.23
CA SER B 29 15.49 -12.52 4.36
C SER B 29 15.75 -13.06 5.77
N ARG B 30 16.03 -12.19 6.71
CA ARG B 30 16.30 -12.66 8.10
C ARG B 30 17.40 -13.72 8.09
N SER B 31 17.24 -14.77 8.85
CA SER B 31 18.28 -15.83 8.87
C SER B 31 19.65 -15.20 9.08
N ALA B 32 20.03 -14.96 10.31
CA ALA B 32 21.36 -14.34 10.57
C ALA B 32 22.44 -15.10 9.80
N ASP B 33 22.30 -16.39 9.68
CA ASP B 33 23.32 -17.18 8.94
C ASP B 33 24.72 -16.83 9.45
N ASP A 1 -21.83 12.48 3.75
CA ASP A 1 -22.37 13.85 4.00
C ASP A 1 -21.25 14.88 3.84
N SER A 2 -20.03 14.43 3.70
CA SER A 2 -18.88 15.38 3.54
C SER A 2 -17.87 14.78 2.57
N LYS A 3 -17.24 15.60 1.77
CA LYS A 3 -16.24 15.07 0.80
C LYS A 3 -14.92 14.80 1.53
N LEU A 4 -14.94 14.89 2.85
CA LEU A 4 -13.69 14.63 3.62
C LEU A 4 -13.22 13.20 3.37
N CYS A 5 -14.13 12.28 3.21
CA CYS A 5 -13.73 10.86 2.96
C CYS A 5 -12.84 10.81 1.72
N TYR A 6 -13.12 11.61 0.74
CA TYR A 6 -12.28 11.60 -0.50
C TYR A 6 -10.83 11.90 -0.11
N LEU A 7 -10.63 12.60 0.97
CA LEU A 7 -9.24 12.92 1.41
C LEU A 7 -8.59 11.67 1.98
N LEU A 8 -9.29 10.91 2.78
CA LEU A 8 -8.71 9.68 3.35
C LEU A 8 -8.42 8.68 2.23
N ASP A 9 -9.37 8.46 1.36
CA ASP A 9 -9.14 7.49 0.25
C ASP A 9 -7.98 7.99 -0.61
N GLY A 10 -7.89 9.27 -0.81
CA GLY A 10 -6.78 9.82 -1.65
C GLY A 10 -5.43 9.48 -1.01
N ILE A 11 -5.27 9.76 0.25
CA ILE A 11 -3.97 9.45 0.92
C ILE A 11 -3.75 7.93 0.98
N LEU A 12 -4.73 7.20 1.42
CA LEU A 12 -4.56 5.71 1.50
C LEU A 12 -4.38 5.15 0.08
N PHE A 13 -5.14 5.62 -0.86
CA PHE A 13 -5.01 5.11 -2.25
C PHE A 13 -3.62 5.46 -2.79
N ILE A 14 -3.24 6.71 -2.74
CA ILE A 14 -1.90 7.10 -3.24
C ILE A 14 -0.84 6.26 -2.54
N TYR A 15 -1.01 6.04 -1.25
CA TYR A 15 -0.02 5.21 -0.50
C TYR A 15 0.10 3.83 -1.17
N GLY A 16 -1.01 3.26 -1.56
CA GLY A 16 -0.95 1.91 -2.20
C GLY A 16 -0.21 2.00 -3.53
N VAL A 17 -0.42 3.06 -4.27
CA VAL A 17 0.27 3.19 -5.58
C VAL A 17 1.77 3.40 -5.37
N ILE A 18 2.14 4.27 -4.46
CA ILE A 18 3.59 4.53 -4.24
C ILE A 18 4.26 3.26 -3.67
N LEU A 19 3.54 2.47 -2.93
CA LEU A 19 4.14 1.23 -2.36
C LEU A 19 4.25 0.17 -3.46
N THR A 20 3.18 -0.02 -4.21
CA THR A 20 3.21 -1.04 -5.29
C THR A 20 4.30 -0.68 -6.31
N ALA A 21 4.49 0.59 -6.57
CA ALA A 21 5.54 0.99 -7.55
C ALA A 21 6.91 0.49 -7.08
N LEU A 22 7.24 0.73 -5.85
CA LEU A 22 8.56 0.27 -5.33
C LEU A 22 8.57 -1.26 -5.26
N PHE A 23 7.44 -1.86 -5.05
CA PHE A 23 7.39 -3.35 -4.97
C PHE A 23 7.78 -3.95 -6.33
N LEU A 24 7.13 -3.54 -7.38
CA LEU A 24 7.47 -4.09 -8.73
C LEU A 24 8.90 -3.70 -9.10
N ARG A 25 9.29 -2.49 -8.82
CA ARG A 25 10.67 -2.05 -9.18
C ARG A 25 11.69 -3.04 -8.59
N VAL A 26 11.49 -3.47 -7.38
CA VAL A 26 12.45 -4.43 -6.77
C VAL A 26 12.29 -5.80 -7.43
N LYS A 27 11.09 -6.14 -7.83
CA LYS A 27 10.88 -7.47 -8.49
C LYS A 27 11.77 -7.58 -9.73
N PHE A 28 11.94 -6.51 -10.45
CA PHE A 28 12.79 -6.56 -11.67
C PHE A 28 14.25 -6.25 -11.30
N SER A 29 15.14 -7.17 -11.56
CA SER A 29 16.58 -6.94 -11.22
C SER A 29 17.16 -5.87 -12.15
N ARG A 30 16.77 -5.88 -13.39
CA ARG A 30 17.31 -4.86 -14.35
C ARG A 30 17.02 -3.45 -13.83
N SER A 31 15.86 -3.24 -13.27
CA SER A 31 15.54 -1.88 -12.74
C SER A 31 15.84 -0.84 -13.82
N ALA A 32 15.75 -1.22 -15.07
CA ALA A 32 16.03 -0.24 -16.16
C ALA A 32 15.05 0.93 -16.07
N ASP A 33 13.83 0.66 -15.69
CA ASP A 33 12.83 1.77 -15.59
C ASP A 33 13.10 2.58 -14.32
N ASP B 1 -25.39 1.24 3.58
CA ASP B 1 -24.85 2.36 2.78
C ASP B 1 -24.33 3.46 3.72
N SER B 2 -24.76 3.44 4.95
CA SER B 2 -24.28 4.48 5.91
C SER B 2 -22.87 4.13 6.38
N LYS B 3 -22.10 5.11 6.74
CA LYS B 3 -20.71 4.85 7.20
C LYS B 3 -19.98 3.97 6.18
N LEU B 4 -20.40 4.03 4.95
CA LEU B 4 -19.72 3.21 3.90
C LEU B 4 -18.27 3.65 3.77
N CYS B 5 -18.01 4.92 3.90
CA CYS B 5 -16.60 5.40 3.79
C CYS B 5 -15.71 4.57 4.69
N TYR B 6 -16.22 4.12 5.81
CA TYR B 6 -15.40 3.30 6.74
C TYR B 6 -14.99 2.01 6.04
N LEU B 7 -15.77 1.55 5.10
CA LEU B 7 -15.43 0.30 4.37
C LEU B 7 -14.26 0.56 3.43
N LEU B 8 -14.28 1.67 2.72
CA LEU B 8 -13.16 1.97 1.78
C LEU B 8 -11.87 2.09 2.57
N ASP B 9 -11.88 2.82 3.65
CA ASP B 9 -10.64 2.99 4.46
C ASP B 9 -10.16 1.61 4.92
N GLY B 10 -11.06 0.73 5.23
CA GLY B 10 -10.67 -0.62 5.69
C GLY B 10 -9.92 -1.36 4.58
N ILE B 11 -10.48 -1.40 3.40
CA ILE B 11 -9.79 -2.11 2.28
C ILE B 11 -8.48 -1.40 1.92
N LEU B 12 -8.53 -0.12 1.70
CA LEU B 12 -7.29 0.61 1.33
C LEU B 12 -6.27 0.51 2.47
N PHE B 13 -6.71 0.66 3.70
CA PHE B 13 -5.77 0.57 4.85
C PHE B 13 -5.17 -0.83 4.91
N ILE B 14 -6.00 -1.84 4.99
CA ILE B 14 -5.47 -3.24 5.05
C ILE B 14 -4.52 -3.46 3.88
N TYR B 15 -4.83 -2.92 2.73
CA TYR B 15 -3.96 -3.11 1.54
C TYR B 15 -2.57 -2.54 1.85
N GLY B 16 -2.52 -1.40 2.49
CA GLY B 16 -1.20 -0.79 2.82
C GLY B 16 -0.41 -1.70 3.76
N VAL B 17 -1.07 -2.29 4.72
CA VAL B 17 -0.35 -3.18 5.67
C VAL B 17 0.13 -4.45 4.95
N ILE B 18 -0.70 -5.04 4.14
CA ILE B 18 -0.28 -6.28 3.42
C ILE B 18 0.79 -5.94 2.38
N LEU B 19 0.69 -4.79 1.76
CA LEU B 19 1.70 -4.42 0.74
C LEU B 19 2.99 -3.96 1.43
N THR B 20 2.88 -3.18 2.46
CA THR B 20 4.09 -2.70 3.18
C THR B 20 4.80 -3.88 3.85
N ALA B 21 4.04 -4.81 4.37
CA ALA B 21 4.67 -5.99 5.03
C ALA B 21 5.54 -6.75 4.03
N LEU B 22 5.02 -7.02 2.87
CA LEU B 22 5.82 -7.77 1.86
C LEU B 22 7.02 -6.92 1.43
N PHE B 23 6.91 -5.62 1.47
CA PHE B 23 8.06 -4.77 1.05
C PHE B 23 9.19 -4.87 2.08
N LEU B 24 8.89 -4.69 3.34
CA LEU B 24 9.96 -4.77 4.38
C LEU B 24 10.55 -6.18 4.39
N ARG B 25 9.73 -7.19 4.27
CA ARG B 25 10.26 -8.59 4.28
C ARG B 25 11.30 -8.72 3.17
N VAL B 26 11.06 -8.12 2.04
CA VAL B 26 12.03 -8.22 0.92
C VAL B 26 13.31 -7.47 1.28
N LYS B 27 13.20 -6.35 1.95
CA LYS B 27 14.42 -5.59 2.32
C LYS B 27 15.25 -6.44 3.29
N PHE B 28 14.60 -7.09 4.21
CA PHE B 28 15.32 -7.95 5.19
C PHE B 28 14.36 -9.00 5.75
N SER B 29 14.87 -10.04 6.34
CA SER B 29 13.97 -11.10 6.90
C SER B 29 14.66 -11.78 8.08
N ARG B 30 13.90 -12.17 9.07
CA ARG B 30 14.50 -12.85 10.25
C ARG B 30 14.94 -14.25 9.85
N SER B 31 14.36 -14.80 8.82
CA SER B 31 14.74 -16.17 8.38
C SER B 31 16.22 -16.20 7.97
N ALA B 32 16.78 -17.37 7.88
CA ALA B 32 18.22 -17.48 7.49
C ALA B 32 18.49 -18.89 6.96
N ASP B 33 17.50 -19.73 6.97
CA ASP B 33 17.68 -21.13 6.47
C ASP B 33 18.83 -21.79 7.26
N ASP A 1 -16.26 19.40 2.15
CA ASP A 1 -16.75 18.90 3.47
C ASP A 1 -17.35 17.50 3.29
N SER A 2 -18.46 17.41 2.61
CA SER A 2 -19.09 16.07 2.41
C SER A 2 -18.10 15.14 1.71
N LYS A 3 -17.23 15.69 0.91
CA LYS A 3 -16.23 14.84 0.20
C LYS A 3 -15.03 14.58 1.11
N LEU A 4 -15.16 14.83 2.37
CA LEU A 4 -14.02 14.60 3.31
C LEU A 4 -13.52 13.16 3.12
N CYS A 5 -14.41 12.22 3.00
CA CYS A 5 -13.96 10.80 2.82
C CYS A 5 -13.05 10.72 1.59
N TYR A 6 -13.30 11.53 0.61
CA TYR A 6 -12.44 11.50 -0.61
C TYR A 6 -11.01 11.88 -0.23
N LEU A 7 -10.85 12.65 0.82
CA LEU A 7 -9.48 13.06 1.25
C LEU A 7 -8.77 11.85 1.87
N LEU A 8 -9.47 11.10 2.69
CA LEU A 8 -8.83 9.91 3.33
C LEU A 8 -8.56 8.84 2.27
N ASP A 9 -9.51 8.59 1.41
CA ASP A 9 -9.31 7.55 0.36
C ASP A 9 -8.17 7.98 -0.58
N GLY A 10 -8.09 9.24 -0.88
CA GLY A 10 -6.99 9.72 -1.79
C GLY A 10 -5.63 9.40 -1.18
N ILE A 11 -5.43 9.75 0.06
CA ILE A 11 -4.10 9.48 0.71
C ILE A 11 -3.87 7.97 0.78
N LEU A 12 -4.80 7.23 1.32
CA LEU A 12 -4.62 5.75 1.42
C LEU A 12 -4.47 5.16 0.02
N PHE A 13 -5.26 5.60 -0.92
CA PHE A 13 -5.17 5.06 -2.29
C PHE A 13 -3.79 5.38 -2.88
N ILE A 14 -3.43 6.64 -2.92
CA ILE A 14 -2.10 7.01 -3.49
C ILE A 14 -1.01 6.22 -2.76
N TYR A 15 -1.15 6.04 -1.48
CA TYR A 15 -0.12 5.26 -0.73
C TYR A 15 -0.01 3.87 -1.32
N GLY A 16 -1.10 3.25 -1.67
CA GLY A 16 -1.05 1.89 -2.25
C GLY A 16 -0.34 1.93 -3.60
N VAL A 17 -0.59 2.94 -4.38
CA VAL A 17 0.06 3.03 -5.72
C VAL A 17 1.57 3.26 -5.56
N ILE A 18 1.95 4.16 -4.69
CA ILE A 18 3.40 4.43 -4.50
C ILE A 18 4.08 3.22 -3.85
N LEU A 19 3.46 2.63 -2.86
CA LEU A 19 4.07 1.45 -2.19
C LEU A 19 4.16 0.28 -3.17
N THR A 20 3.16 0.12 -4.00
CA THR A 20 3.18 -1.00 -4.98
C THR A 20 4.27 -0.76 -6.03
N ALA A 21 4.42 0.47 -6.47
CA ALA A 21 5.46 0.77 -7.50
C ALA A 21 6.84 0.39 -6.96
N LEU A 22 7.12 0.73 -5.74
CA LEU A 22 8.45 0.39 -5.17
C LEU A 22 8.60 -1.13 -5.06
N PHE A 23 7.53 -1.82 -4.76
CA PHE A 23 7.62 -3.30 -4.64
C PHE A 23 8.00 -3.92 -5.99
N LEU A 24 7.34 -3.53 -7.04
CA LEU A 24 7.66 -4.10 -8.38
C LEU A 24 9.07 -3.66 -8.81
N ARG A 25 9.45 -2.46 -8.49
CA ARG A 25 10.81 -1.98 -8.88
C ARG A 25 11.88 -2.91 -8.32
N VAL A 26 11.76 -3.29 -7.07
CA VAL A 26 12.78 -4.19 -6.48
C VAL A 26 12.67 -5.59 -7.09
N LYS A 27 11.49 -5.98 -7.48
CA LYS A 27 11.32 -7.34 -8.08
C LYS A 27 12.18 -7.45 -9.34
N PHE A 28 12.29 -6.39 -10.09
CA PHE A 28 13.13 -6.44 -11.34
C PHE A 28 13.60 -5.04 -11.69
N SER A 29 14.61 -4.93 -12.51
CA SER A 29 15.11 -3.58 -12.90
C SER A 29 15.86 -3.68 -14.24
N ARG A 30 16.03 -2.58 -14.92
CA ARG A 30 16.76 -2.62 -16.22
C ARG A 30 18.25 -2.84 -15.97
N SER A 31 18.85 -3.76 -16.68
CA SER A 31 20.30 -4.02 -16.47
C SER A 31 21.11 -2.75 -16.76
N ALA A 32 22.30 -2.67 -16.24
CA ALA A 32 23.13 -1.46 -16.49
C ALA A 32 23.48 -1.37 -17.97
N ASP A 33 23.62 -2.49 -18.63
CA ASP A 33 23.94 -2.47 -20.08
C ASP A 33 22.76 -1.90 -20.87
N ASP B 1 -24.25 5.84 10.52
CA ASP B 1 -24.83 4.46 10.63
C ASP B 1 -24.19 3.56 9.57
N SER B 2 -24.49 3.79 8.33
CA SER B 2 -23.91 2.93 7.26
C SER B 2 -22.38 3.00 7.32
N LYS B 3 -21.84 4.17 7.55
CA LYS B 3 -20.34 4.29 7.63
C LYS B 3 -19.72 3.67 6.37
N LEU B 4 -20.27 3.92 5.23
CA LEU B 4 -19.71 3.33 3.97
C LEU B 4 -18.24 3.74 3.84
N CYS B 5 -17.92 4.97 4.14
CA CYS B 5 -16.51 5.42 4.03
C CYS B 5 -15.61 4.53 4.89
N TYR B 6 -16.10 4.10 6.02
CA TYR B 6 -15.27 3.22 6.90
C TYR B 6 -14.91 1.94 6.15
N LEU B 7 -15.75 1.53 5.23
CA LEU B 7 -15.45 0.28 4.46
C LEU B 7 -14.34 0.57 3.46
N LEU B 8 -14.38 1.71 2.80
CA LEU B 8 -13.32 2.03 1.80
C LEU B 8 -11.98 2.17 2.52
N ASP B 9 -11.95 2.89 3.61
CA ASP B 9 -10.67 3.07 4.34
C ASP B 9 -10.16 1.72 4.86
N GLY B 10 -11.05 0.88 5.31
CA GLY B 10 -10.61 -0.45 5.84
C GLY B 10 -9.87 -1.21 4.75
N ILE B 11 -10.44 -1.32 3.59
CA ILE B 11 -9.76 -2.06 2.49
C ILE B 11 -8.48 -1.33 2.08
N LEU B 12 -8.58 -0.07 1.76
CA LEU B 12 -7.36 0.69 1.35
C LEU B 12 -6.33 0.65 2.48
N PHE B 13 -6.76 0.84 3.70
CA PHE B 13 -5.79 0.81 4.83
C PHE B 13 -5.13 -0.56 4.92
N ILE B 14 -5.92 -1.61 4.97
CA ILE B 14 -5.32 -2.97 5.04
C ILE B 14 -4.40 -3.19 3.84
N TYR B 15 -4.78 -2.70 2.70
CA TYR B 15 -3.92 -2.87 1.49
C TYR B 15 -2.54 -2.27 1.76
N GLY B 16 -2.49 -1.12 2.36
CA GLY B 16 -1.16 -0.49 2.65
C GLY B 16 -0.37 -1.35 3.65
N VAL B 17 -1.04 -1.90 4.62
CA VAL B 17 -0.32 -2.73 5.63
C VAL B 17 0.20 -4.02 4.97
N ILE B 18 -0.63 -4.70 4.22
CA ILE B 18 -0.18 -5.95 3.57
C ILE B 18 0.96 -5.66 2.59
N LEU B 19 0.84 -4.61 1.81
CA LEU B 19 1.92 -4.29 0.83
C LEU B 19 3.19 -3.94 1.62
N THR B 20 3.07 -3.16 2.66
CA THR B 20 4.26 -2.78 3.47
C THR B 20 4.93 -4.04 4.03
N ALA B 21 4.14 -5.00 4.47
CA ALA B 21 4.73 -6.25 5.04
C ALA B 21 5.57 -6.95 3.98
N LEU B 22 5.03 -7.15 2.81
CA LEU B 22 5.80 -7.85 1.73
C LEU B 22 6.99 -6.98 1.32
N PHE B 23 6.86 -5.68 1.40
CA PHE B 23 7.99 -4.79 1.01
C PHE B 23 9.16 -4.99 1.97
N LEU B 24 8.92 -4.93 3.25
CA LEU B 24 10.03 -5.10 4.24
C LEU B 24 10.58 -6.53 4.14
N ARG B 25 9.74 -7.50 3.91
CA ARG B 25 10.22 -8.91 3.82
C ARG B 25 11.36 -8.99 2.80
N VAL B 26 11.23 -8.29 1.70
CA VAL B 26 12.31 -8.33 0.67
C VAL B 26 13.60 -7.78 1.28
N LYS B 27 13.50 -6.77 2.12
CA LYS B 27 14.72 -6.19 2.75
C LYS B 27 15.40 -7.26 3.62
N PHE B 28 14.64 -8.16 4.19
CA PHE B 28 15.24 -9.22 5.05
C PHE B 28 15.40 -10.51 4.23
N SER B 29 16.51 -11.17 4.39
CA SER B 29 16.74 -12.44 3.63
C SER B 29 17.63 -13.37 4.44
N ARG B 30 17.60 -14.64 4.15
CA ARG B 30 18.45 -15.60 4.92
C ARG B 30 19.93 -15.30 4.65
N SER B 31 20.74 -15.32 5.67
CA SER B 31 22.20 -15.03 5.48
C SER B 31 22.89 -16.30 4.97
N ALA B 32 24.02 -16.15 4.33
CA ALA B 32 24.74 -17.34 3.82
C ALA B 32 25.30 -18.14 5.00
N ASP B 33 25.39 -19.44 4.86
CA ASP B 33 25.93 -20.28 5.97
C ASP B 33 27.43 -20.03 6.12
N ASP A 1 -18.47 19.79 3.73
CA ASP A 1 -17.33 19.01 4.28
C ASP A 1 -17.58 17.51 4.05
N SER A 2 -18.73 17.16 3.56
CA SER A 2 -19.03 15.73 3.31
C SER A 2 -17.96 15.13 2.39
N LYS A 3 -17.33 15.94 1.59
CA LYS A 3 -16.28 15.42 0.67
C LYS A 3 -15.01 15.09 1.47
N LEU A 4 -15.10 15.13 2.78
CA LEU A 4 -13.91 14.82 3.61
C LEU A 4 -13.47 13.37 3.35
N CYS A 5 -14.40 12.51 3.06
CA CYS A 5 -14.04 11.08 2.80
C CYS A 5 -13.13 10.99 1.58
N TYR A 6 -13.39 11.79 0.57
CA TYR A 6 -12.54 11.74 -0.64
C TYR A 6 -11.07 11.98 -0.27
N LEU A 7 -10.84 12.73 0.78
CA LEU A 7 -9.43 13.00 1.19
C LEU A 7 -8.80 11.73 1.78
N LEU A 8 -9.50 11.06 2.65
CA LEU A 8 -8.92 9.82 3.24
C LEU A 8 -8.60 8.81 2.13
N ASP A 9 -9.52 8.57 1.25
CA ASP A 9 -9.26 7.61 0.14
C ASP A 9 -8.06 8.08 -0.68
N GLY A 10 -7.91 9.36 -0.87
CA GLY A 10 -6.76 9.87 -1.67
C GLY A 10 -5.45 9.48 -1.00
N ILE A 11 -5.31 9.74 0.27
CA ILE A 11 -4.03 9.39 0.97
C ILE A 11 -3.87 7.86 1.00
N LEU A 12 -4.85 7.15 1.48
CA LEU A 12 -4.73 5.66 1.54
C LEU A 12 -4.54 5.11 0.13
N PHE A 13 -5.27 5.60 -0.83
CA PHE A 13 -5.13 5.08 -2.22
C PHE A 13 -3.73 5.38 -2.73
N ILE A 14 -3.33 6.62 -2.70
CA ILE A 14 -1.97 6.99 -3.19
C ILE A 14 -0.93 6.14 -2.44
N TYR A 15 -1.13 5.94 -1.17
CA TYR A 15 -0.18 5.13 -0.37
C TYR A 15 -0.01 3.75 -1.02
N GLY A 16 -1.10 3.15 -1.43
CA GLY A 16 -1.01 1.80 -2.06
C GLY A 16 -0.27 1.90 -3.40
N VAL A 17 -0.50 2.95 -4.15
CA VAL A 17 0.16 3.09 -5.47
C VAL A 17 1.68 3.30 -5.28
N ILE A 18 2.05 4.18 -4.40
CA ILE A 18 3.51 4.43 -4.19
C ILE A 18 4.18 3.16 -3.64
N LEU A 19 3.51 2.44 -2.81
CA LEU A 19 4.13 1.20 -2.25
C LEU A 19 4.20 0.13 -3.35
N THR A 20 3.15 -0.02 -4.11
CA THR A 20 3.15 -1.04 -5.21
C THR A 20 4.27 -0.72 -6.20
N ALA A 21 4.48 0.53 -6.49
CA ALA A 21 5.54 0.90 -7.46
C ALA A 21 6.91 0.46 -6.93
N LEU A 22 7.24 0.82 -5.72
CA LEU A 22 8.56 0.42 -5.16
C LEU A 22 8.62 -1.11 -5.06
N PHE A 23 7.51 -1.75 -4.82
CA PHE A 23 7.52 -3.24 -4.73
C PHE A 23 7.90 -3.84 -6.09
N LEU A 24 7.23 -3.44 -7.13
CA LEU A 24 7.54 -4.00 -8.48
C LEU A 24 8.98 -3.63 -8.87
N ARG A 25 9.39 -2.42 -8.61
CA ARG A 25 10.77 -2.01 -8.98
C ARG A 25 11.78 -2.99 -8.37
N VAL A 26 11.54 -3.43 -7.16
CA VAL A 26 12.48 -4.39 -6.52
C VAL A 26 12.32 -5.77 -7.16
N LYS A 27 11.14 -6.08 -7.63
CA LYS A 27 10.92 -7.42 -8.26
C LYS A 27 11.89 -7.59 -9.44
N PHE A 28 12.12 -6.55 -10.20
CA PHE A 28 13.05 -6.66 -11.36
C PHE A 28 13.69 -5.29 -11.63
N SER A 29 14.75 -5.27 -12.39
CA SER A 29 15.43 -3.97 -12.68
C SER A 29 16.17 -4.06 -14.01
N ARG A 30 16.39 -2.96 -14.66
CA ARG A 30 17.12 -2.98 -15.97
C ARG A 30 18.49 -3.64 -15.77
N SER A 31 19.08 -3.47 -14.62
CA SER A 31 20.41 -4.08 -14.37
C SER A 31 20.33 -5.59 -14.60
N ALA A 32 19.17 -6.17 -14.46
CA ALA A 32 19.03 -7.64 -14.67
C ALA A 32 19.45 -8.00 -16.10
N ASP A 33 19.24 -7.10 -17.02
CA ASP A 33 19.63 -7.39 -18.43
C ASP A 33 19.74 -6.09 -19.21
N ASP B 1 -22.44 10.52 2.94
CA ASP B 1 -21.42 10.51 4.02
C ASP B 1 -21.71 9.36 4.99
N SER B 2 -22.38 8.34 4.52
CA SER B 2 -22.69 7.20 5.42
C SER B 2 -21.39 6.52 5.86
N LYS B 3 -21.45 5.67 6.85
CA LYS B 3 -20.22 4.98 7.32
C LYS B 3 -19.64 4.13 6.19
N LEU B 4 -20.33 4.05 5.08
CA LEU B 4 -19.81 3.25 3.94
C LEU B 4 -18.38 3.69 3.62
N CYS B 5 -18.10 4.96 3.75
CA CYS B 5 -16.73 5.45 3.45
C CYS B 5 -15.73 4.68 4.33
N TYR B 6 -16.12 4.32 5.51
CA TYR B 6 -15.19 3.57 6.40
C TYR B 6 -14.84 2.23 5.76
N LEU B 7 -15.70 1.71 4.93
CA LEU B 7 -15.41 0.41 4.27
C LEU B 7 -14.25 0.58 3.29
N LEU B 8 -14.29 1.61 2.48
CA LEU B 8 -13.19 1.83 1.50
C LEU B 8 -11.88 2.06 2.25
N ASP B 9 -11.90 2.87 3.27
CA ASP B 9 -10.65 3.13 4.05
C ASP B 9 -10.15 1.83 4.66
N GLY B 10 -11.03 0.98 5.09
CA GLY B 10 -10.60 -0.31 5.71
C GLY B 10 -9.84 -1.15 4.68
N ILE B 11 -10.40 -1.35 3.52
CA ILE B 11 -9.70 -2.17 2.48
C ILE B 11 -8.39 -1.48 2.08
N LEU B 12 -8.43 -0.21 1.82
CA LEU B 12 -7.18 0.50 1.41
C LEU B 12 -6.18 0.47 2.57
N PHE B 13 -6.63 0.68 3.78
CA PHE B 13 -5.70 0.66 4.94
C PHE B 13 -5.08 -0.73 5.08
N ILE B 14 -5.90 -1.74 5.16
CA ILE B 14 -5.35 -3.11 5.30
C ILE B 14 -4.41 -3.40 4.14
N TYR B 15 -4.72 -2.90 2.97
CA TYR B 15 -3.84 -3.13 1.80
C TYR B 15 -2.46 -2.53 2.08
N GLY B 16 -2.42 -1.35 2.65
CA GLY B 16 -1.10 -0.72 2.95
C GLY B 16 -0.31 -1.60 3.91
N VAL B 17 -0.97 -2.19 4.87
CA VAL B 17 -0.25 -3.06 5.84
C VAL B 17 0.22 -4.35 5.15
N ILE B 18 -0.62 -4.97 4.39
CA ILE B 18 -0.21 -6.24 3.70
C ILE B 18 0.83 -5.92 2.63
N LEU B 19 0.70 -4.81 1.96
CA LEU B 19 1.70 -4.47 0.89
C LEU B 19 3.01 -4.03 1.54
N THR B 20 2.95 -3.23 2.57
CA THR B 20 4.20 -2.77 3.23
C THR B 20 4.89 -3.96 3.91
N ALA B 21 4.13 -4.85 4.49
CA ALA B 21 4.74 -6.03 5.17
C ALA B 21 5.56 -6.84 4.16
N LEU B 22 5.00 -7.11 3.02
CA LEU B 22 5.75 -7.91 1.99
C LEU B 22 6.96 -7.10 1.50
N PHE B 23 6.84 -5.80 1.44
CA PHE B 23 7.99 -4.97 0.97
C PHE B 23 9.16 -5.10 1.95
N LEU B 24 8.91 -4.90 3.22
CA LEU B 24 10.02 -5.01 4.21
C LEU B 24 10.60 -6.43 4.18
N ARG B 25 9.77 -7.42 4.02
CA ARG B 25 10.29 -8.82 3.99
C ARG B 25 11.38 -8.94 2.91
N VAL B 26 11.18 -8.33 1.78
CA VAL B 26 12.19 -8.41 0.70
C VAL B 26 13.43 -7.60 1.09
N LYS B 27 13.23 -6.51 1.78
CA LYS B 27 14.39 -5.67 2.19
C LYS B 27 15.39 -6.52 2.98
N PHE B 28 14.90 -7.41 3.81
CA PHE B 28 15.81 -8.27 4.63
C PHE B 28 15.87 -9.68 4.01
N SER B 29 17.05 -10.18 3.78
CA SER B 29 17.17 -11.55 3.20
C SER B 29 16.94 -12.59 4.30
N ARG B 30 16.80 -13.83 3.95
CA ARG B 30 16.57 -14.89 4.97
C ARG B 30 15.31 -14.55 5.79
N SER B 31 15.43 -13.68 6.75
CA SER B 31 14.24 -13.30 7.58
C SER B 31 13.49 -14.57 8.00
N ALA B 32 14.20 -15.65 8.19
CA ALA B 32 13.53 -16.91 8.61
C ALA B 32 13.00 -16.77 10.04
N ASP B 33 13.69 -16.05 10.87
CA ASP B 33 13.23 -15.86 12.28
C ASP B 33 12.89 -17.23 12.87
N ASP A 1 -14.49 20.45 4.07
CA ASP A 1 -15.82 20.99 4.46
C ASP A 1 -16.91 19.97 4.08
N SER A 2 -16.60 19.06 3.19
CA SER A 2 -17.60 18.04 2.79
C SER A 2 -16.89 16.79 2.29
N LYS A 3 -17.51 15.65 2.44
CA LYS A 3 -16.87 14.38 1.97
C LYS A 3 -15.45 14.26 2.56
N LEU A 4 -15.32 14.46 3.84
CA LEU A 4 -13.98 14.35 4.47
C LEU A 4 -13.44 12.93 4.29
N CYS A 5 -14.28 11.95 4.42
CA CYS A 5 -13.82 10.54 4.25
C CYS A 5 -13.09 10.40 2.91
N TYR A 6 -13.52 11.13 1.91
CA TYR A 6 -12.85 11.04 0.59
C TYR A 6 -11.38 11.45 0.71
N LEU A 7 -11.08 12.30 1.66
CA LEU A 7 -9.68 12.74 1.83
C LEU A 7 -8.82 11.53 2.24
N LEU A 8 -9.34 10.68 3.07
CA LEU A 8 -8.56 9.50 3.50
C LEU A 8 -8.36 8.57 2.31
N ASP A 9 -9.36 8.40 1.50
CA ASP A 9 -9.23 7.51 0.31
C ASP A 9 -8.13 8.05 -0.62
N GLY A 10 -8.08 9.34 -0.80
CA GLY A 10 -7.04 9.93 -1.69
C GLY A 10 -5.64 9.63 -1.12
N ILE A 11 -5.43 9.92 0.14
CA ILE A 11 -4.10 9.66 0.74
C ILE A 11 -3.83 8.15 0.80
N LEU A 12 -4.77 7.38 1.26
CA LEU A 12 -4.55 5.91 1.34
C LEU A 12 -4.38 5.33 -0.07
N PHE A 13 -5.17 5.78 -1.01
CA PHE A 13 -5.05 5.25 -2.40
C PHE A 13 -3.66 5.59 -2.96
N ILE A 14 -3.30 6.85 -2.96
CA ILE A 14 -1.97 7.23 -3.49
C ILE A 14 -0.88 6.40 -2.80
N TYR A 15 -1.01 6.20 -1.52
CA TYR A 15 0.01 5.40 -0.79
C TYR A 15 0.11 4.00 -1.40
N GLY A 16 -1.00 3.41 -1.73
CA GLY A 16 -0.97 2.04 -2.32
C GLY A 16 -0.23 2.07 -3.66
N VAL A 17 -0.43 3.10 -4.44
CA VAL A 17 0.24 3.18 -5.76
C VAL A 17 1.76 3.40 -5.57
N ILE A 18 2.14 4.28 -4.68
CA ILE A 18 3.59 4.54 -4.46
C ILE A 18 4.24 3.34 -3.79
N LEU A 19 3.54 2.67 -2.92
CA LEU A 19 4.14 1.51 -2.22
C LEU A 19 4.20 0.32 -3.19
N THR A 20 3.18 0.13 -3.98
CA THR A 20 3.18 -1.00 -4.94
C THR A 20 4.25 -0.77 -6.01
N ALA A 21 4.41 0.45 -6.45
CA ALA A 21 5.43 0.74 -7.50
C ALA A 21 6.82 0.32 -6.99
N LEU A 22 7.18 0.74 -5.80
CA LEU A 22 8.51 0.38 -5.26
C LEU A 22 8.62 -1.14 -5.09
N PHE A 23 7.53 -1.79 -4.79
CA PHE A 23 7.57 -3.27 -4.61
C PHE A 23 7.88 -3.93 -5.96
N LEU A 24 7.16 -3.59 -6.99
CA LEU A 24 7.42 -4.20 -8.32
C LEU A 24 8.84 -3.86 -8.77
N ARG A 25 9.25 -2.64 -8.59
CA ARG A 25 10.61 -2.24 -9.00
C ARG A 25 11.64 -3.17 -8.34
N VAL A 26 11.43 -3.51 -7.10
CA VAL A 26 12.39 -4.42 -6.42
C VAL A 26 12.17 -5.86 -6.90
N LYS A 27 10.94 -6.21 -7.18
CA LYS A 27 10.66 -7.59 -7.66
C LYS A 27 11.48 -7.89 -8.91
N PHE A 28 11.56 -6.96 -9.82
CA PHE A 28 12.36 -7.20 -11.06
C PHE A 28 13.84 -7.36 -10.70
N SER A 29 14.26 -6.73 -9.64
CA SER A 29 15.69 -6.85 -9.24
C SER A 29 15.97 -8.25 -8.69
N ARG A 30 14.95 -9.04 -8.54
CA ARG A 30 15.16 -10.43 -8.01
C ARG A 30 15.96 -10.34 -6.69
N SER A 31 16.61 -11.41 -6.32
CA SER A 31 17.41 -11.39 -5.05
C SER A 31 18.62 -12.31 -5.19
N ALA A 32 19.75 -11.91 -4.68
CA ALA A 32 20.97 -12.76 -4.78
C ALA A 32 20.81 -13.97 -3.86
N ASP A 33 20.22 -13.78 -2.71
CA ASP A 33 20.05 -14.93 -1.77
C ASP A 33 21.38 -15.65 -1.59
N ASP B 1 -23.37 10.43 4.55
CA ASP B 1 -23.56 10.36 6.03
C ASP B 1 -23.33 8.92 6.50
N SER B 2 -23.69 7.97 5.68
CA SER B 2 -23.50 6.54 6.07
C SER B 2 -22.01 6.26 6.29
N LYS B 3 -21.70 5.29 7.11
CA LYS B 3 -20.26 4.96 7.37
C LYS B 3 -19.75 4.03 6.27
N LEU B 4 -20.51 3.83 5.24
CA LEU B 4 -20.05 2.92 4.14
C LEU B 4 -18.70 3.41 3.62
N CYS B 5 -18.51 4.69 3.55
CA CYS B 5 -17.21 5.22 3.04
C CYS B 5 -16.06 4.64 3.88
N TYR B 6 -16.26 4.51 5.16
CA TYR B 6 -15.18 3.96 6.02
C TYR B 6 -14.74 2.60 5.47
N LEU B 7 -15.62 1.92 4.76
CA LEU B 7 -15.24 0.60 4.19
C LEU B 7 -14.12 0.79 3.17
N LEU B 8 -14.16 1.84 2.41
CA LEU B 8 -13.09 2.08 1.40
C LEU B 8 -11.75 2.26 2.13
N ASP B 9 -11.75 2.99 3.21
CA ASP B 9 -10.49 3.19 3.97
C ASP B 9 -10.00 1.86 4.52
N GLY B 10 -10.90 1.02 4.96
CA GLY B 10 -10.48 -0.30 5.51
C GLY B 10 -9.75 -1.10 4.44
N ILE B 11 -10.33 -1.24 3.28
CA ILE B 11 -9.65 -2.01 2.20
C ILE B 11 -8.35 -1.32 1.80
N LEU B 12 -8.42 -0.07 1.45
CA LEU B 12 -7.17 0.66 1.06
C LEU B 12 -6.15 0.58 2.19
N PHE B 13 -6.59 0.74 3.41
CA PHE B 13 -5.64 0.67 4.55
C PHE B 13 -5.01 -0.72 4.62
N ILE B 14 -5.81 -1.74 4.74
CA ILE B 14 -5.24 -3.11 4.82
C ILE B 14 -4.33 -3.35 3.62
N TYR B 15 -4.72 -2.90 2.46
CA TYR B 15 -3.88 -3.09 1.25
C TYR B 15 -2.50 -2.49 1.51
N GLY B 16 -2.45 -1.32 2.08
CA GLY B 16 -1.14 -0.67 2.36
C GLY B 16 -0.36 -1.49 3.40
N VAL B 17 -1.04 -1.98 4.41
CA VAL B 17 -0.33 -2.77 5.46
C VAL B 17 0.23 -4.06 4.85
N ILE B 18 -0.56 -4.75 4.07
CA ILE B 18 -0.06 -6.02 3.45
C ILE B 18 1.05 -5.71 2.46
N LEU B 19 0.97 -4.61 1.75
CA LEU B 19 2.04 -4.29 0.77
C LEU B 19 3.31 -3.89 1.54
N THR B 20 3.19 -3.08 2.53
CA THR B 20 4.39 -2.66 3.32
C THR B 20 5.03 -3.89 3.97
N ALA B 21 4.23 -4.80 4.45
CA ALA B 21 4.80 -6.02 5.10
C ALA B 21 5.66 -6.78 4.09
N LEU B 22 5.16 -7.02 2.91
CA LEU B 22 5.96 -7.75 1.89
C LEU B 22 7.15 -6.90 1.47
N PHE B 23 7.00 -5.61 1.44
CA PHE B 23 8.13 -4.73 1.03
C PHE B 23 9.27 -4.87 2.03
N LEU B 24 8.99 -4.71 3.29
CA LEU B 24 10.07 -4.84 4.32
C LEU B 24 10.61 -6.27 4.31
N ARG B 25 9.75 -7.23 4.10
CA ARG B 25 10.22 -8.65 4.09
C ARG B 25 11.29 -8.82 3.00
N VAL B 26 11.09 -8.21 1.87
CA VAL B 26 12.10 -8.34 0.77
C VAL B 26 13.34 -7.51 1.11
N LYS B 27 13.16 -6.43 1.82
CA LYS B 27 14.34 -5.59 2.18
C LYS B 27 15.34 -6.43 2.97
N PHE B 28 14.87 -7.26 3.86
CA PHE B 28 15.80 -8.11 4.66
C PHE B 28 15.08 -9.39 5.09
N SER B 29 15.82 -10.40 5.45
CA SER B 29 15.19 -11.68 5.87
C SER B 29 16.15 -12.43 6.81
N ARG B 30 17.37 -11.98 6.89
CA ARG B 30 18.36 -12.66 7.78
C ARG B 30 17.94 -12.47 9.24
N SER B 31 18.01 -13.50 10.03
CA SER B 31 17.61 -13.36 11.46
C SER B 31 16.23 -12.71 11.54
N ALA B 32 15.20 -13.44 11.21
CA ALA B 32 13.83 -12.85 11.26
C ALA B 32 13.52 -12.41 12.69
N ASP B 33 14.13 -13.04 13.67
CA ASP B 33 13.87 -12.66 15.08
C ASP B 33 14.48 -11.28 15.35
N ASP A 1 -21.24 11.45 1.26
CA ASP A 1 -21.69 12.53 0.36
C ASP A 1 -20.69 13.69 0.43
N SER A 2 -20.24 14.04 1.60
CA SER A 2 -19.26 15.16 1.71
C SER A 2 -17.94 14.76 1.05
N LYS A 3 -17.18 15.72 0.58
CA LYS A 3 -15.90 15.39 -0.08
C LYS A 3 -14.82 15.12 0.97
N LEU A 4 -15.20 15.04 2.21
CA LEU A 4 -14.20 14.78 3.29
C LEU A 4 -13.64 13.37 3.15
N CYS A 5 -14.48 12.41 2.89
CA CYS A 5 -13.99 11.01 2.73
C CYS A 5 -13.00 10.93 1.56
N TYR A 6 -13.22 11.70 0.54
CA TYR A 6 -12.31 11.67 -0.64
C TYR A 6 -10.89 12.03 -0.18
N LEU A 7 -10.76 12.70 0.93
CA LEU A 7 -9.41 13.07 1.43
C LEU A 7 -8.74 11.85 2.06
N LEU A 8 -9.45 11.12 2.87
CA LEU A 8 -8.85 9.91 3.51
C LEU A 8 -8.52 8.87 2.44
N ASP A 9 -9.44 8.62 1.55
CA ASP A 9 -9.20 7.61 0.48
C ASP A 9 -8.02 8.07 -0.39
N GLY A 10 -7.92 9.35 -0.64
CA GLY A 10 -6.80 9.85 -1.48
C GLY A 10 -5.47 9.48 -0.82
N ILE A 11 -5.28 9.82 0.42
CA ILE A 11 -4.00 9.49 1.10
C ILE A 11 -3.81 7.97 1.12
N LEU A 12 -4.78 7.25 1.62
CA LEU A 12 -4.65 5.77 1.67
C LEU A 12 -4.48 5.22 0.25
N PHE A 13 -5.24 5.72 -0.69
CA PHE A 13 -5.12 5.23 -2.09
C PHE A 13 -3.72 5.54 -2.63
N ILE A 14 -3.30 6.78 -2.56
CA ILE A 14 -1.95 7.14 -3.07
C ILE A 14 -0.90 6.29 -2.35
N TYR A 15 -1.07 6.07 -1.07
CA TYR A 15 -0.07 5.26 -0.32
C TYR A 15 0.03 3.87 -0.95
N GLY A 16 -1.07 3.28 -1.32
CA GLY A 16 -1.03 1.92 -1.93
C GLY A 16 -0.36 1.99 -3.31
N VAL A 17 -0.65 3.00 -4.07
CA VAL A 17 -0.04 3.11 -5.42
C VAL A 17 1.48 3.30 -5.30
N ILE A 18 1.91 4.20 -4.46
CA ILE A 18 3.38 4.44 -4.31
C ILE A 18 4.06 3.17 -3.80
N LEU A 19 3.48 2.51 -2.84
CA LEU A 19 4.11 1.27 -2.30
C LEU A 19 4.16 0.21 -3.41
N THR A 20 3.09 0.07 -4.16
CA THR A 20 3.07 -0.93 -5.25
C THR A 20 4.18 -0.63 -6.26
N ALA A 21 4.38 0.62 -6.59
CA ALA A 21 5.44 0.97 -7.57
C ALA A 21 6.80 0.49 -7.08
N LEU A 22 7.15 0.82 -5.86
CA LEU A 22 8.47 0.38 -5.31
C LEU A 22 8.49 -1.15 -5.19
N PHE A 23 7.38 -1.76 -4.91
CA PHE A 23 7.35 -3.24 -4.79
C PHE A 23 7.75 -3.88 -6.12
N LEU A 24 7.11 -3.51 -7.19
CA LEU A 24 7.46 -4.10 -8.51
C LEU A 24 8.89 -3.72 -8.88
N ARG A 25 9.29 -2.51 -8.58
CA ARG A 25 10.68 -2.08 -8.91
C ARG A 25 11.68 -3.10 -8.35
N VAL A 26 11.47 -3.55 -7.15
CA VAL A 26 12.41 -4.54 -6.54
C VAL A 26 12.17 -5.91 -7.18
N LYS A 27 10.97 -6.20 -7.58
CA LYS A 27 10.67 -7.53 -8.19
C LYS A 27 11.54 -7.72 -9.44
N PHE A 28 11.75 -6.68 -10.20
CA PHE A 28 12.59 -6.82 -11.43
C PHE A 28 14.06 -6.58 -11.07
N SER A 29 14.93 -7.43 -11.56
CA SER A 29 16.37 -7.25 -11.24
C SER A 29 16.95 -6.12 -12.10
N ARG A 30 18.03 -5.52 -11.67
CA ARG A 30 18.65 -4.41 -12.45
C ARG A 30 20.17 -4.52 -12.39
N SER A 31 20.86 -3.83 -13.27
CA SER A 31 22.35 -3.89 -13.26
C SER A 31 22.91 -2.53 -13.65
N ALA A 32 23.99 -2.11 -13.05
CA ALA A 32 24.57 -0.79 -13.39
C ALA A 32 23.48 0.28 -13.36
N ASP A 33 23.81 1.49 -13.72
CA ASP A 33 22.79 2.58 -13.70
C ASP A 33 22.04 2.56 -12.36
N ASP B 1 -25.78 3.44 4.97
CA ASP B 1 -24.80 3.51 3.83
C ASP B 1 -23.82 4.64 4.10
N SER B 2 -24.12 5.52 5.01
CA SER B 2 -23.19 6.65 5.31
C SER B 2 -21.86 6.10 5.81
N LYS B 3 -21.86 4.93 6.38
CA LYS B 3 -20.60 4.33 6.89
C LYS B 3 -19.84 3.66 5.74
N LEU B 4 -20.25 3.90 4.53
CA LEU B 4 -19.56 3.27 3.36
C LEU B 4 -18.10 3.74 3.31
N CYS B 5 -17.86 4.98 3.64
CA CYS B 5 -16.45 5.49 3.60
C CYS B 5 -15.55 4.61 4.47
N TYR B 6 -16.05 4.15 5.58
CA TYR B 6 -15.21 3.29 6.47
C TYR B 6 -14.86 1.99 5.74
N LEU B 7 -15.71 1.56 4.84
CA LEU B 7 -15.44 0.29 4.11
C LEU B 7 -14.26 0.49 3.15
N LEU B 8 -14.22 1.60 2.46
CA LEU B 8 -13.10 1.86 1.52
C LEU B 8 -11.80 2.01 2.31
N ASP B 9 -11.83 2.76 3.38
CA ASP B 9 -10.60 2.96 4.18
C ASP B 9 -10.13 1.60 4.72
N GLY B 10 -11.06 0.76 5.13
CA GLY B 10 -10.66 -0.57 5.66
C GLY B 10 -9.87 -1.34 4.61
N ILE B 11 -10.41 -1.46 3.42
CA ILE B 11 -9.68 -2.20 2.35
C ILE B 11 -8.38 -1.48 2.01
N LEU B 12 -8.44 -0.20 1.74
CA LEU B 12 -7.21 0.55 1.39
C LEU B 12 -6.23 0.50 2.57
N PHE B 13 -6.72 0.67 3.77
CA PHE B 13 -5.82 0.64 4.96
C PHE B 13 -5.18 -0.75 5.07
N ILE B 14 -5.98 -1.77 5.13
CA ILE B 14 -5.41 -3.15 5.23
C ILE B 14 -4.44 -3.38 4.08
N TYR B 15 -4.79 -2.90 2.90
CA TYR B 15 -3.90 -3.08 1.72
C TYR B 15 -2.52 -2.48 2.02
N GLY B 16 -2.49 -1.35 2.67
CA GLY B 16 -1.19 -0.70 2.99
C GLY B 16 -0.36 -1.61 3.90
N VAL B 17 -0.99 -2.22 4.87
CA VAL B 17 -0.24 -3.12 5.79
C VAL B 17 0.25 -4.37 5.04
N ILE B 18 -0.60 -4.95 4.24
CA ILE B 18 -0.18 -6.18 3.50
C ILE B 18 0.86 -5.82 2.43
N LEU B 19 0.70 -4.69 1.78
CA LEU B 19 1.68 -4.29 0.74
C LEU B 19 2.99 -3.88 1.42
N THR B 20 2.90 -3.15 2.50
CA THR B 20 4.13 -2.71 3.20
C THR B 20 4.86 -3.92 3.80
N ALA B 21 4.12 -4.87 4.31
CA ALA B 21 4.77 -6.08 4.91
C ALA B 21 5.60 -6.81 3.86
N LEU B 22 5.04 -7.08 2.72
CA LEU B 22 5.80 -7.79 1.66
C LEU B 22 7.01 -6.95 1.24
N PHE B 23 6.87 -5.65 1.24
CA PHE B 23 8.02 -4.78 0.85
C PHE B 23 9.16 -4.93 1.87
N LEU B 24 8.86 -4.78 3.12
CA LEU B 24 9.94 -4.91 4.16
C LEU B 24 10.51 -6.33 4.16
N ARG B 25 9.68 -7.32 3.94
CA ARG B 25 10.17 -8.72 3.94
C ARG B 25 11.32 -8.88 2.93
N VAL B 26 11.17 -8.31 1.77
CA VAL B 26 12.25 -8.43 0.74
C VAL B 26 13.47 -7.61 1.17
N LYS B 27 13.26 -6.56 1.92
CA LYS B 27 14.42 -5.74 2.37
C LYS B 27 15.36 -6.58 3.22
N PHE B 28 14.86 -7.22 4.24
CA PHE B 28 15.73 -8.06 5.10
C PHE B 28 16.14 -9.32 4.35
N SER B 29 15.27 -9.86 3.55
CA SER B 29 15.61 -11.09 2.78
C SER B 29 16.81 -10.80 1.86
N ARG B 30 16.73 -9.74 1.11
CA ARG B 30 17.85 -9.39 0.19
C ARG B 30 18.30 -10.64 -0.58
N SER B 31 17.76 -10.84 -1.76
CA SER B 31 18.15 -12.03 -2.56
C SER B 31 18.16 -11.67 -4.06
N ALA B 32 18.85 -12.43 -4.86
CA ALA B 32 18.90 -12.13 -6.31
C ALA B 32 17.51 -12.37 -6.92
N ASP B 33 17.14 -11.57 -7.89
CA ASP B 33 15.80 -11.74 -8.54
C ASP B 33 14.73 -12.03 -7.49
N ASP A 1 -18.37 19.06 3.86
CA ASP A 1 -17.65 18.19 4.83
C ASP A 1 -17.87 16.71 4.48
N SER A 2 -19.00 16.39 3.92
CA SER A 2 -19.27 14.98 3.54
C SER A 2 -18.23 14.50 2.53
N LYS A 3 -17.72 15.40 1.72
CA LYS A 3 -16.70 15.00 0.71
C LYS A 3 -15.33 14.89 1.41
N LEU A 4 -15.31 14.97 2.71
CA LEU A 4 -14.01 14.88 3.43
C LEU A 4 -13.49 13.45 3.35
N CYS A 5 -14.36 12.48 3.42
CA CYS A 5 -13.90 11.06 3.34
C CYS A 5 -13.10 10.84 2.06
N TYR A 6 -13.46 11.54 1.01
CA TYR A 6 -12.72 11.37 -0.28
C TYR A 6 -11.24 11.71 -0.06
N LEU A 7 -10.94 12.55 0.89
CA LEU A 7 -9.52 12.90 1.15
C LEU A 7 -8.79 11.70 1.77
N LEU A 8 -9.44 11.03 2.69
CA LEU A 8 -8.79 9.84 3.33
C LEU A 8 -8.51 8.78 2.27
N ASP A 9 -9.46 8.51 1.41
CA ASP A 9 -9.25 7.49 0.35
C ASP A 9 -8.11 7.94 -0.58
N GLY A 10 -8.04 9.21 -0.86
CA GLY A 10 -6.97 9.71 -1.76
C GLY A 10 -5.60 9.40 -1.17
N ILE A 11 -5.37 9.76 0.07
CA ILE A 11 -4.06 9.47 0.70
C ILE A 11 -3.82 7.96 0.73
N LEU A 12 -4.75 7.21 1.24
CA LEU A 12 -4.56 5.72 1.30
C LEU A 12 -4.44 5.19 -0.12
N PHE A 13 -5.25 5.67 -1.02
CA PHE A 13 -5.19 5.17 -2.43
C PHE A 13 -3.82 5.52 -3.03
N ILE A 14 -3.44 6.77 -3.00
CA ILE A 14 -2.13 7.15 -3.57
C ILE A 14 -1.02 6.33 -2.89
N TYR A 15 -1.13 6.13 -1.62
CA TYR A 15 -0.09 5.33 -0.90
C TYR A 15 0.02 3.94 -1.55
N GLY A 16 -1.09 3.36 -1.92
CA GLY A 16 -1.04 2.01 -2.55
C GLY A 16 -0.26 2.08 -3.86
N VAL A 17 -0.49 3.08 -4.66
CA VAL A 17 0.23 3.18 -5.96
C VAL A 17 1.73 3.41 -5.70
N ILE A 18 2.07 4.26 -4.77
CA ILE A 18 3.50 4.52 -4.49
C ILE A 18 4.14 3.28 -3.84
N LEU A 19 3.45 2.65 -2.93
CA LEU A 19 4.02 1.46 -2.26
C LEU A 19 4.11 0.31 -3.27
N THR A 20 3.11 0.14 -4.09
CA THR A 20 3.15 -0.96 -5.09
C THR A 20 4.20 -0.66 -6.17
N ALA A 21 4.33 0.59 -6.54
CA ALA A 21 5.33 0.95 -7.59
C ALA A 21 6.74 0.57 -7.11
N LEU A 22 7.10 0.93 -5.91
CA LEU A 22 8.45 0.58 -5.40
C LEU A 22 8.57 -0.94 -5.25
N PHE A 23 7.48 -1.60 -4.93
CA PHE A 23 7.54 -3.09 -4.77
C PHE A 23 7.90 -3.73 -6.11
N LEU A 24 7.20 -3.39 -7.16
CA LEU A 24 7.50 -4.00 -8.48
C LEU A 24 8.90 -3.58 -8.93
N ARG A 25 9.29 -2.37 -8.66
CA ARG A 25 10.65 -1.91 -9.08
C ARG A 25 11.70 -2.82 -8.47
N VAL A 26 11.51 -3.22 -7.24
CA VAL A 26 12.52 -4.10 -6.58
C VAL A 26 12.39 -5.52 -7.14
N LYS A 27 11.22 -5.90 -7.57
CA LYS A 27 11.03 -7.27 -8.12
C LYS A 27 12.08 -7.54 -9.20
N PHE A 28 12.37 -6.56 -10.02
CA PHE A 28 13.39 -6.76 -11.09
C PHE A 28 14.76 -6.29 -10.59
N SER A 29 15.74 -7.15 -10.64
CA SER A 29 17.09 -6.77 -10.16
C SER A 29 17.81 -5.97 -11.26
N ARG A 30 18.44 -4.88 -10.90
CA ARG A 30 19.16 -4.06 -11.92
C ARG A 30 18.27 -3.88 -13.16
N SER A 31 18.69 -4.39 -14.29
CA SER A 31 17.87 -4.25 -15.52
C SER A 31 17.50 -2.78 -15.73
N ALA A 32 16.82 -2.48 -16.82
CA ALA A 32 16.43 -1.07 -17.09
C ALA A 32 17.68 -0.18 -17.13
N ASP A 33 18.85 -0.77 -17.01
CA ASP A 33 20.09 0.05 -17.03
C ASP A 33 20.36 0.53 -18.46
N ASP B 1 -18.57 10.80 10.13
CA ASP B 1 -18.35 10.12 8.81
C ASP B 1 -19.37 8.99 8.64
N SER B 2 -19.71 8.67 7.42
CA SER B 2 -20.70 7.57 7.19
C SER B 2 -20.02 6.23 7.41
N LYS B 3 -20.78 5.21 7.73
CA LYS B 3 -20.17 3.87 7.95
C LYS B 3 -19.66 3.30 6.62
N LEU B 4 -20.28 3.67 5.53
CA LEU B 4 -19.83 3.15 4.21
C LEU B 4 -18.39 3.62 3.95
N CYS B 5 -18.09 4.85 4.27
CA CYS B 5 -16.71 5.36 4.03
C CYS B 5 -15.71 4.54 4.85
N TYR B 6 -16.10 4.12 6.03
CA TYR B 6 -15.17 3.31 6.87
C TYR B 6 -14.80 2.02 6.14
N LEU B 7 -15.67 1.54 5.30
CA LEU B 7 -15.36 0.28 4.55
C LEU B 7 -14.24 0.56 3.55
N LEU B 8 -14.29 1.67 2.88
CA LEU B 8 -13.22 1.99 1.89
C LEU B 8 -11.87 2.11 2.61
N ASP B 9 -11.83 2.84 3.68
CA ASP B 9 -10.55 2.99 4.43
C ASP B 9 -10.06 1.63 4.90
N GLY B 10 -10.96 0.78 5.33
CA GLY B 10 -10.55 -0.57 5.80
C GLY B 10 -9.83 -1.32 4.67
N ILE B 11 -10.40 -1.34 3.50
CA ILE B 11 -9.74 -2.06 2.38
C ILE B 11 -8.46 -1.34 1.98
N LEU B 12 -8.54 -0.07 1.68
CA LEU B 12 -7.32 0.68 1.28
C LEU B 12 -6.28 0.62 2.40
N PHE B 13 -6.71 0.76 3.63
CA PHE B 13 -5.74 0.71 4.76
C PHE B 13 -5.08 -0.67 4.81
N ILE B 14 -5.87 -1.71 4.88
CA ILE B 14 -5.29 -3.08 4.93
C ILE B 14 -4.37 -3.28 3.71
N TYR B 15 -4.79 -2.83 2.57
CA TYR B 15 -3.94 -2.98 1.36
C TYR B 15 -2.56 -2.37 1.63
N GLY B 16 -2.52 -1.22 2.23
CA GLY B 16 -1.21 -0.57 2.52
C GLY B 16 -0.43 -1.40 3.55
N VAL B 17 -1.11 -1.94 4.53
CA VAL B 17 -0.41 -2.75 5.56
C VAL B 17 0.15 -4.03 4.93
N ILE B 18 -0.65 -4.72 4.15
CA ILE B 18 -0.15 -5.97 3.53
C ILE B 18 0.98 -5.66 2.55
N LEU B 19 0.90 -4.58 1.82
CA LEU B 19 1.98 -4.24 0.87
C LEU B 19 3.25 -3.88 1.65
N THR B 20 3.11 -3.10 2.70
CA THR B 20 4.31 -2.72 3.51
C THR B 20 4.95 -3.98 4.10
N ALA B 21 4.15 -4.92 4.54
CA ALA B 21 4.70 -6.16 5.13
C ALA B 21 5.57 -6.88 4.08
N LEU B 22 5.05 -7.11 2.92
CA LEU B 22 5.84 -7.80 1.86
C LEU B 22 7.03 -6.92 1.48
N PHE B 23 6.86 -5.62 1.52
CA PHE B 23 8.00 -4.73 1.15
C PHE B 23 9.16 -4.96 2.12
N LEU B 24 8.90 -4.91 3.40
CA LEU B 24 9.99 -5.13 4.39
C LEU B 24 10.53 -6.56 4.27
N ARG B 25 9.64 -7.51 4.06
CA ARG B 25 10.10 -8.93 3.94
C ARG B 25 11.17 -9.03 2.84
N VAL B 26 10.98 -8.33 1.76
CA VAL B 26 11.99 -8.38 0.66
C VAL B 26 13.34 -7.89 1.19
N LYS B 27 13.33 -6.92 2.05
CA LYS B 27 14.61 -6.40 2.61
C LYS B 27 15.21 -7.46 3.55
N PHE B 28 14.39 -8.12 4.32
CA PHE B 28 14.92 -9.15 5.25
C PHE B 28 15.43 -10.33 4.43
N SER B 29 14.83 -10.61 3.31
CA SER B 29 15.28 -11.75 2.46
C SER B 29 16.73 -11.50 2.01
N ARG B 30 17.10 -10.26 1.86
CA ARG B 30 18.50 -9.96 1.42
C ARG B 30 19.48 -10.52 2.44
N SER B 31 20.68 -10.82 2.02
CA SER B 31 21.69 -11.36 2.97
C SER B 31 21.82 -10.41 4.16
N ALA B 32 21.73 -9.13 3.93
CA ALA B 32 21.84 -8.16 5.05
C ALA B 32 23.07 -8.51 5.91
N ASP B 33 22.86 -8.81 7.16
CA ASP B 33 24.01 -9.15 8.04
C ASP B 33 23.51 -9.83 9.31
N ASP A 1 -22.37 11.55 3.79
CA ASP A 1 -21.56 11.66 2.54
C ASP A 1 -20.73 12.94 2.58
N SER A 2 -19.71 12.96 3.40
CA SER A 2 -18.84 14.17 3.50
C SER A 2 -17.64 14.02 2.57
N LYS A 3 -17.19 15.10 1.99
CA LYS A 3 -16.02 15.02 1.07
C LYS A 3 -14.75 14.75 1.88
N LEU A 4 -14.78 15.01 3.16
CA LEU A 4 -13.58 14.78 4.00
C LEU A 4 -13.19 13.30 3.94
N CYS A 5 -14.15 12.41 4.05
CA CYS A 5 -13.82 10.96 4.00
C CYS A 5 -13.15 10.63 2.67
N TYR A 6 -13.56 11.27 1.61
CA TYR A 6 -12.94 11.00 0.27
C TYR A 6 -11.46 11.35 0.33
N LEU A 7 -11.08 12.30 1.14
CA LEU A 7 -9.66 12.68 1.23
C LEU A 7 -8.84 11.50 1.76
N LEU A 8 -9.37 10.78 2.71
CA LEU A 8 -8.62 9.61 3.25
C LEU A 8 -8.40 8.60 2.11
N ASP A 9 -9.42 8.34 1.34
CA ASP A 9 -9.27 7.37 0.22
C ASP A 9 -8.17 7.85 -0.73
N GLY A 10 -8.10 9.13 -0.98
CA GLY A 10 -7.04 9.65 -1.90
C GLY A 10 -5.66 9.34 -1.33
N ILE A 11 -5.44 9.67 -0.08
CA ILE A 11 -4.10 9.40 0.53
C ILE A 11 -3.86 7.90 0.60
N LEU A 12 -4.78 7.16 1.17
CA LEU A 12 -4.58 5.69 1.27
C LEU A 12 -4.44 5.09 -0.14
N PHE A 13 -5.19 5.58 -1.08
CA PHE A 13 -5.09 5.02 -2.46
C PHE A 13 -3.70 5.33 -3.02
N ILE A 14 -3.32 6.58 -3.02
CA ILE A 14 -1.96 6.94 -3.54
C ILE A 14 -0.90 6.14 -2.77
N TYR A 15 -1.13 5.92 -1.51
CA TYR A 15 -0.14 5.14 -0.70
C TYR A 15 0.04 3.75 -1.31
N GLY A 16 -1.04 3.14 -1.73
CA GLY A 16 -0.93 1.78 -2.33
C GLY A 16 -0.19 1.84 -3.67
N VAL A 17 -0.42 2.86 -4.44
CA VAL A 17 0.27 2.98 -5.76
C VAL A 17 1.76 3.22 -5.54
N ILE A 18 2.12 4.09 -4.64
CA ILE A 18 3.57 4.36 -4.40
C ILE A 18 4.23 3.11 -3.82
N LEU A 19 3.59 2.46 -2.89
CA LEU A 19 4.20 1.23 -2.29
C LEU A 19 4.30 0.14 -3.37
N THR A 20 3.26 -0.05 -4.13
CA THR A 20 3.29 -1.09 -5.20
C THR A 20 4.41 -0.78 -6.19
N ALA A 21 4.60 0.47 -6.52
CA ALA A 21 5.67 0.83 -7.50
C ALA A 21 7.04 0.42 -6.94
N LEU A 22 7.35 0.82 -5.74
CA LEU A 22 8.68 0.45 -5.14
C LEU A 22 8.77 -1.07 -5.04
N PHE A 23 7.68 -1.73 -4.77
CA PHE A 23 7.72 -3.22 -4.65
C PHE A 23 8.12 -3.84 -5.99
N LEU A 24 7.48 -3.44 -7.05
CA LEU A 24 7.83 -4.02 -8.38
C LEU A 24 9.24 -3.61 -8.78
N ARG A 25 9.62 -2.38 -8.52
CA ARG A 25 10.99 -1.93 -8.90
C ARG A 25 12.03 -2.87 -8.29
N VAL A 26 11.83 -3.30 -7.07
CA VAL A 26 12.81 -4.21 -6.43
C VAL A 26 12.69 -5.61 -7.05
N LYS A 27 11.51 -5.98 -7.48
CA LYS A 27 11.34 -7.33 -8.09
C LYS A 27 12.24 -7.46 -9.32
N PHE A 28 12.35 -6.43 -10.11
CA PHE A 28 13.21 -6.50 -11.31
C PHE A 28 14.68 -6.54 -10.90
N SER A 29 15.00 -6.01 -9.75
CA SER A 29 16.41 -6.01 -9.29
C SER A 29 16.93 -7.45 -9.21
N ARG A 30 16.09 -8.37 -8.82
CA ARG A 30 16.54 -9.79 -8.72
C ARG A 30 17.08 -10.25 -10.08
N SER A 31 16.48 -9.79 -11.15
CA SER A 31 16.96 -10.20 -12.50
C SER A 31 16.93 -11.73 -12.62
N ALA A 32 17.41 -12.27 -13.71
CA ALA A 32 17.41 -13.75 -13.88
C ALA A 32 18.44 -14.14 -14.92
N ASP A 33 18.87 -15.37 -14.91
CA ASP A 33 19.89 -15.81 -15.91
C ASP A 33 19.25 -15.91 -17.29
N ASP B 1 -24.75 6.94 9.72
CA ASP B 1 -25.14 6.79 8.28
C ASP B 1 -23.89 6.85 7.40
N SER B 2 -23.00 7.77 7.67
CA SER B 2 -21.76 7.88 6.84
C SER B 2 -20.81 6.75 7.21
N LYS B 3 -21.31 5.73 7.88
CA LYS B 3 -20.43 4.60 8.27
C LYS B 3 -20.15 3.72 7.04
N LEU B 4 -20.55 4.16 5.88
CA LEU B 4 -20.31 3.35 4.65
C LEU B 4 -18.92 3.70 4.09
N CYS B 5 -18.62 4.96 4.00
CA CYS B 5 -17.28 5.38 3.48
C CYS B 5 -16.18 4.74 4.31
N TYR B 6 -16.43 4.52 5.57
CA TYR B 6 -15.38 3.90 6.44
C TYR B 6 -14.97 2.54 5.85
N LEU B 7 -15.84 1.92 5.10
CA LEU B 7 -15.49 0.60 4.50
C LEU B 7 -14.39 0.79 3.46
N LEU B 8 -14.44 1.86 2.71
CA LEU B 8 -13.39 2.09 1.68
C LEU B 8 -12.04 2.31 2.37
N ASP B 9 -12.02 3.06 3.44
CA ASP B 9 -10.73 3.30 4.15
C ASP B 9 -10.21 1.98 4.73
N GLY B 10 -11.08 1.15 5.21
CA GLY B 10 -10.63 -0.15 5.79
C GLY B 10 -9.89 -0.97 4.73
N ILE B 11 -10.50 -1.16 3.60
CA ILE B 11 -9.84 -1.97 2.52
C ILE B 11 -8.53 -1.28 2.10
N LEU B 12 -8.59 -0.04 1.73
CA LEU B 12 -7.35 0.67 1.29
C LEU B 12 -6.32 0.64 2.44
N PHE B 13 -6.74 0.83 3.65
CA PHE B 13 -5.77 0.82 4.79
C PHE B 13 -5.15 -0.57 4.90
N ILE B 14 -5.96 -1.60 4.97
CA ILE B 14 -5.39 -2.97 5.08
C ILE B 14 -4.46 -3.24 3.90
N TYR B 15 -4.83 -2.79 2.73
CA TYR B 15 -3.96 -3.01 1.54
C TYR B 15 -2.57 -2.41 1.81
N GLY B 16 -2.53 -1.24 2.38
CA GLY B 16 -1.22 -0.59 2.68
C GLY B 16 -0.42 -1.46 3.65
N VAL B 17 -1.07 -2.03 4.63
CA VAL B 17 -0.34 -2.87 5.62
C VAL B 17 0.16 -4.15 4.94
N ILE B 18 -0.69 -4.83 4.22
CA ILE B 18 -0.25 -6.09 3.56
C ILE B 18 0.82 -5.78 2.51
N LEU B 19 0.69 -4.70 1.80
CA LEU B 19 1.70 -4.36 0.76
C LEU B 19 3.00 -3.92 1.45
N THR B 20 2.90 -3.19 2.52
CA THR B 20 4.14 -2.73 3.23
C THR B 20 4.85 -3.93 3.84
N ALA B 21 4.12 -4.87 4.38
CA ALA B 21 4.76 -6.05 5.00
C ALA B 21 5.62 -6.79 3.96
N LEU B 22 5.06 -7.05 2.80
CA LEU B 22 5.85 -7.76 1.74
C LEU B 22 7.07 -6.92 1.36
N PHE B 23 6.92 -5.62 1.36
CA PHE B 23 8.09 -4.76 0.99
C PHE B 23 9.20 -4.94 2.02
N LEU B 24 8.89 -4.83 3.29
CA LEU B 24 9.93 -5.00 4.33
C LEU B 24 10.47 -6.43 4.27
N ARG B 25 9.61 -7.39 4.07
CA ARG B 25 10.08 -8.81 4.00
C ARG B 25 11.15 -8.93 2.93
N VAL B 26 10.96 -8.31 1.80
CA VAL B 26 11.98 -8.40 0.72
C VAL B 26 13.24 -7.64 1.15
N LYS B 27 13.07 -6.55 1.85
CA LYS B 27 14.26 -5.76 2.30
C LYS B 27 15.17 -6.66 3.13
N PHE B 28 14.59 -7.54 3.93
CA PHE B 28 15.42 -8.45 4.77
C PHE B 28 15.60 -9.79 4.03
N SER B 29 16.81 -10.25 3.91
CA SER B 29 17.04 -11.54 3.20
C SER B 29 16.22 -12.64 3.88
N ARG B 30 16.12 -12.60 5.18
CA ARG B 30 15.34 -13.64 5.91
C ARG B 30 14.99 -13.14 7.30
N SER B 31 14.00 -13.74 7.93
CA SER B 31 13.62 -13.29 9.29
C SER B 31 14.62 -13.84 10.31
N ALA B 32 14.97 -13.05 11.29
CA ALA B 32 15.95 -13.53 12.31
C ALA B 32 15.92 -12.58 13.51
N ASP B 33 15.91 -13.13 14.70
CA ASP B 33 15.88 -12.27 15.92
C ASP B 33 16.41 -13.07 17.11
#